data_3VVH
#
_entry.id   3VVH
#
_cell.length_a   58.894
_cell.length_b   129.090
_cell.length_c   135.736
_cell.angle_alpha   90.00
_cell.angle_beta   90.00
_cell.angle_gamma   90.00
#
_symmetry.space_group_name_H-M   'P 21 21 21'
#
loop_
_entity.id
_entity.type
_entity.pdbx_description
1 polymer 'Dual specificity mitogen-activated protein kinase kinase 1'
2 non-polymer 'MAGNESIUM ION'
3 non-polymer "ADENOSINE-5'-TRIPHOSPHATE"
4 non-polymer N-{[(2R)-2,3-dihydroxypropyl]oxy}-3,4-difluoro-2-[(2-fluoro-4-iodophenyl)amino]benzamide
5 water water
#
_entity_poly.entity_id   1
_entity_poly.type   'polypeptide(L)'
_entity_poly.pdbx_seq_one_letter_code
;MELKDDDFEKISELGAGNGGVVFKVSHKPSGLVMARKLIHLEIKPAIRNQIIRELQVLHECNSPYIVGFYGAFYSDGEIS
ICMEHMDGGSLDQVLKKAGRIPEQILGKVSIAVIKGLTYLREKHKIMHRDVKPSNILVNSRGEIKLCDFGVSGQLIDSMA
NSFVGTRSYMSPERLQGTHYSVQSDIWSMGLSLVEMAVGRYPIPPPDAKELELMFGCQVEGDAAETPPRPRTPGRPLSSY
GMDSRPPMAIFELLDYIVNEPPPKLPSGVFSLEFQDFVNKCLIKNPAERADLKQLMVHAFIKRSDAEEVDFAGWLCSTIG
LNQPSTPTHAAGVLEHHHHHH
;
_entity_poly.pdbx_strand_id   A,B,C
#
# COMPACT_ATOMS: atom_id res chain seq x y z
N MET A 1 -22.43 -14.33 -6.82
CA MET A 1 -22.04 -15.67 -7.35
C MET A 1 -23.15 -16.69 -7.20
N GLU A 2 -23.25 -17.60 -8.16
CA GLU A 2 -24.13 -18.76 -8.05
C GLU A 2 -23.49 -19.78 -7.09
N LEU A 3 -24.17 -20.09 -5.99
CA LEU A 3 -23.62 -21.00 -5.00
C LEU A 3 -24.62 -22.07 -4.57
N LYS A 4 -24.11 -23.28 -4.34
CA LYS A 4 -24.94 -24.40 -3.91
C LYS A 4 -24.11 -25.38 -3.12
N ASP A 5 -24.77 -26.16 -2.28
CA ASP A 5 -24.11 -27.04 -1.31
C ASP A 5 -23.00 -27.92 -1.87
N ASP A 6 -23.25 -28.54 -3.03
CA ASP A 6 -22.29 -29.49 -3.61
C ASP A 6 -21.06 -28.84 -4.24
N ASP A 7 -21.05 -27.52 -4.35
CA ASP A 7 -19.89 -26.75 -4.82
C ASP A 7 -18.72 -26.77 -3.82
N PHE A 8 -19.00 -27.14 -2.57
CA PHE A 8 -18.06 -26.88 -1.47
C PHE A 8 -17.32 -28.10 -0.89
N GLU A 9 -16.06 -27.90 -0.56
CA GLU A 9 -15.29 -28.83 0.25
C GLU A 9 -14.83 -28.12 1.52
N LYS A 10 -15.11 -28.75 2.66
CA LYS A 10 -14.69 -28.24 3.95
C LYS A 10 -13.17 -28.28 4.10
N ILE A 11 -12.55 -27.18 4.53
CA ILE A 11 -11.11 -27.19 4.81
C ILE A 11 -10.86 -27.31 6.30
N SER A 12 -11.44 -26.40 7.09
CA SER A 12 -11.34 -26.44 8.56
C SER A 12 -12.45 -25.60 9.21
N GLU A 13 -12.57 -25.70 10.53
CA GLU A 13 -13.54 -24.90 11.26
C GLU A 13 -12.90 -23.58 11.69
N LEU A 14 -13.59 -22.46 11.43
CA LEU A 14 -13.06 -21.15 11.78
C LEU A 14 -13.51 -20.69 13.17
N GLY A 15 -14.67 -21.16 13.61
CA GLY A 15 -15.20 -20.79 14.92
C GLY A 15 -16.70 -21.02 15.00
N ALA A 16 -17.26 -20.77 16.18
CA ALA A 16 -18.70 -20.91 16.41
C ALA A 16 -19.22 -19.83 17.37
N GLY A 17 -20.40 -19.30 17.05
CA GLY A 17 -21.06 -18.34 17.92
C GLY A 17 -22.21 -19.03 18.61
N ASN A 18 -23.18 -18.24 19.07
CA ASN A 18 -24.36 -18.79 19.76
C ASN A 18 -25.20 -19.71 18.88
N GLY A 19 -25.45 -19.31 17.64
CA GLY A 19 -26.33 -20.09 16.76
C GLY A 19 -25.80 -20.31 15.35
N GLY A 20 -24.49 -20.19 15.18
CA GLY A 20 -23.83 -20.40 13.90
C GLY A 20 -22.45 -21.03 14.05
N VAL A 21 -22.00 -21.64 12.96
CA VAL A 21 -20.67 -22.24 12.91
C VAL A 21 -20.08 -21.77 11.58
N VAL A 22 -18.79 -21.45 11.58
CA VAL A 22 -18.13 -20.93 10.39
C VAL A 22 -16.99 -21.86 10.00
N PHE A 23 -16.94 -22.19 8.72
CA PHE A 23 -15.96 -23.09 8.18
C PHE A 23 -15.20 -22.37 7.08
N LYS A 24 -13.89 -22.62 7.03
CA LYS A 24 -13.10 -22.28 5.85
C LYS A 24 -13.36 -23.35 4.80
N VAL A 25 -13.74 -22.92 3.59
CA VAL A 25 -14.15 -23.85 2.55
C VAL A 25 -13.49 -23.55 1.21
N SER A 26 -13.42 -24.57 0.39
CA SER A 26 -12.98 -24.42 -0.98
C SER A 26 -14.22 -24.40 -1.83
N HIS A 27 -14.35 -23.36 -2.65
CA HIS A 27 -15.40 -23.33 -3.66
C HIS A 27 -14.83 -23.87 -4.95
N LYS A 28 -15.12 -25.15 -5.21
CA LYS A 28 -14.49 -25.87 -6.32
C LYS A 28 -14.62 -25.21 -7.71
N PRO A 29 -15.81 -24.70 -8.06
CA PRO A 29 -15.92 -24.13 -9.41
C PRO A 29 -15.04 -22.91 -9.71
N SER A 30 -14.79 -22.09 -8.68
CA SER A 30 -14.07 -20.85 -8.88
C SER A 30 -12.63 -20.96 -8.38
N GLY A 31 -12.38 -21.92 -7.48
CA GLY A 31 -11.09 -22.01 -6.81
C GLY A 31 -10.97 -21.11 -5.57
N LEU A 32 -11.95 -20.24 -5.36
CA LEU A 32 -11.99 -19.35 -4.19
C LEU A 32 -12.01 -20.12 -2.87
N VAL A 33 -11.21 -19.65 -1.92
CA VAL A 33 -11.30 -20.11 -0.54
C VAL A 33 -12.22 -19.15 0.16
N MET A 34 -13.28 -19.64 0.79
CA MET A 34 -14.25 -18.79 1.45
C MET A 34 -14.41 -19.15 2.93
N ALA A 35 -15.09 -18.25 3.64
CA ALA A 35 -15.65 -18.54 4.95
C ALA A 35 -17.15 -18.73 4.75
N ARG A 36 -17.63 -19.92 5.10
CA ARG A 36 -19.05 -20.23 4.99
C ARG A 36 -19.66 -20.32 6.40
N LYS A 37 -20.59 -19.42 6.67
CA LYS A 37 -21.35 -19.42 7.93
C LYS A 37 -22.66 -20.17 7.70
N LEU A 38 -22.95 -21.09 8.61
CA LEU A 38 -24.14 -21.91 8.56
C LEU A 38 -25.00 -21.57 9.76
N ILE A 39 -26.19 -21.06 9.49
CA ILE A 39 -27.14 -20.71 10.55
C ILE A 39 -28.30 -21.70 10.53
N HIS A 40 -28.39 -22.52 11.57
CA HIS A 40 -29.45 -23.51 11.67
C HIS A 40 -30.73 -22.88 12.09
N LEU A 41 -31.73 -23.00 11.23
CA LEU A 41 -33.06 -22.46 11.51
C LEU A 41 -34.13 -23.43 11.03
N GLU A 42 -35.16 -23.59 11.84
CA GLU A 42 -36.33 -24.35 11.43
C GLU A 42 -37.44 -23.38 11.04
N ILE A 43 -37.52 -23.12 9.74
CA ILE A 43 -38.48 -22.15 9.16
C ILE A 43 -39.03 -22.67 7.84
N LYS A 44 -40.24 -22.23 7.48
CA LYS A 44 -40.89 -22.64 6.22
C LYS A 44 -40.36 -21.87 5.01
N PRO A 45 -40.50 -22.45 3.79
CA PRO A 45 -40.01 -21.87 2.54
C PRO A 45 -40.20 -20.36 2.34
N ALA A 46 -41.33 -19.80 2.78
CA ALA A 46 -41.54 -18.35 2.59
C ALA A 46 -40.53 -17.51 3.37
N ILE A 47 -40.26 -17.92 4.61
CA ILE A 47 -39.29 -17.24 5.48
C ILE A 47 -37.86 -17.43 4.95
N ARG A 48 -37.54 -18.66 4.55
CA ARG A 48 -36.22 -18.97 4.01
C ARG A 48 -35.90 -18.11 2.81
N ASN A 49 -36.86 -17.98 1.90
CA ASN A 49 -36.62 -17.21 0.69
C ASN A 49 -36.60 -15.71 0.94
N GLN A 50 -37.33 -15.25 1.96
CA GLN A 50 -37.29 -13.84 2.33
C GLN A 50 -35.91 -13.48 2.91
N ILE A 51 -35.37 -14.36 3.75
CA ILE A 51 -34.00 -14.18 4.25
C ILE A 51 -32.99 -14.13 3.10
N ILE A 52 -33.09 -15.07 2.17
CA ILE A 52 -32.14 -15.14 1.06
C ILE A 52 -32.26 -13.91 0.17
N ARG A 53 -33.50 -13.51 -0.11
CA ARG A 53 -33.74 -12.32 -0.92
C ARG A 53 -33.16 -11.07 -0.22
N GLU A 54 -33.48 -10.87 1.05
CA GLU A 54 -32.93 -9.75 1.82
C GLU A 54 -31.39 -9.72 1.80
N LEU A 55 -30.76 -10.90 1.90
CA LEU A 55 -29.29 -11.00 1.86
C LEU A 55 -28.68 -10.60 0.50
N GLN A 56 -29.47 -10.60 -0.57
CA GLN A 56 -28.93 -10.27 -1.89
C GLN A 56 -28.35 -8.86 -1.98
N VAL A 57 -28.80 -7.96 -1.10
CA VAL A 57 -28.23 -6.60 -1.04
C VAL A 57 -26.72 -6.65 -0.79
N LEU A 58 -26.26 -7.69 -0.09
CA LEU A 58 -24.83 -7.85 0.22
C LEU A 58 -23.95 -7.96 -1.03
N HIS A 59 -24.52 -8.40 -2.16
CA HIS A 59 -23.80 -8.37 -3.44
C HIS A 59 -23.45 -6.96 -3.85
N GLU A 60 -24.19 -5.98 -3.32
CA GLU A 60 -23.98 -4.56 -3.61
C GLU A 60 -23.00 -3.87 -2.67
N CYS A 61 -22.62 -4.53 -1.58
CA CYS A 61 -21.62 -3.98 -0.65
C CYS A 61 -20.21 -4.09 -1.21
N ASN A 62 -19.51 -2.97 -1.28
CA ASN A 62 -18.17 -2.97 -1.81
C ASN A 62 -17.31 -1.91 -1.16
N SER A 63 -16.60 -2.30 -0.13
CA SER A 63 -15.81 -1.37 0.66
C SER A 63 -14.62 -2.13 1.21
N PRO A 64 -13.46 -1.44 1.32
CA PRO A 64 -12.28 -2.02 1.98
C PRO A 64 -12.50 -2.26 3.47
N TYR A 65 -13.57 -1.70 4.03
CA TYR A 65 -13.85 -1.80 5.46
C TYR A 65 -14.99 -2.77 5.83
N ILE A 66 -15.49 -3.48 4.81
CA ILE A 66 -16.60 -4.39 4.96
C ILE A 66 -16.19 -5.75 4.38
N VAL A 67 -16.32 -6.82 5.16
CA VAL A 67 -16.02 -8.16 4.64
C VAL A 67 -16.82 -8.45 3.35
N GLY A 68 -16.13 -8.96 2.32
CA GLY A 68 -16.77 -9.24 1.03
C GLY A 68 -17.75 -10.39 1.16
N PHE A 69 -18.81 -10.36 0.35
CA PHE A 69 -19.86 -11.37 0.34
C PHE A 69 -19.82 -12.03 -1.02
N TYR A 70 -19.96 -13.35 -1.05
CA TYR A 70 -20.04 -14.06 -2.32
C TYR A 70 -21.44 -14.58 -2.61
N GLY A 71 -22.19 -14.94 -1.57
CA GLY A 71 -23.55 -15.42 -1.78
C GLY A 71 -24.18 -16.11 -0.59
N ALA A 72 -25.48 -16.32 -0.69
CA ALA A 72 -26.25 -16.95 0.37
C ALA A 72 -27.25 -17.92 -0.26
N PHE A 73 -27.49 -19.04 0.42
CA PHE A 73 -28.48 -20.03 -0.01
C PHE A 73 -28.93 -20.85 1.19
N TYR A 74 -29.97 -21.67 0.97
CA TYR A 74 -30.49 -22.54 2.01
C TYR A 74 -30.28 -24.00 1.62
N SER A 75 -29.90 -24.82 2.59
CA SER A 75 -29.65 -26.23 2.38
C SER A 75 -29.70 -26.95 3.72
N ASP A 76 -30.46 -28.04 3.77
CA ASP A 76 -30.49 -28.95 4.92
C ASP A 76 -30.70 -28.27 6.29
N GLY A 77 -31.74 -27.43 6.38
CA GLY A 77 -32.08 -26.77 7.64
C GLY A 77 -31.18 -25.60 8.05
N GLU A 78 -30.34 -25.14 7.13
CA GLU A 78 -29.36 -24.09 7.43
C GLU A 78 -29.25 -23.04 6.32
N ILE A 79 -29.26 -21.77 6.70
CA ILE A 79 -28.87 -20.70 5.79
C ILE A 79 -27.35 -20.64 5.77
N SER A 80 -26.77 -20.70 4.57
CA SER A 80 -25.34 -20.48 4.37
C SER A 80 -25.11 -19.05 3.95
N ILE A 81 -24.16 -18.38 4.60
CA ILE A 81 -23.66 -17.09 4.15
C ILE A 81 -22.17 -17.28 3.81
N CYS A 82 -21.83 -17.16 2.53
CA CYS A 82 -20.44 -17.32 2.10
C CYS A 82 -19.80 -15.96 1.93
N MET A 83 -18.67 -15.80 2.60
CA MET A 83 -18.01 -14.51 2.63
C MET A 83 -16.50 -14.66 2.46
N GLU A 84 -15.86 -13.51 2.32
CA GLU A 84 -14.42 -13.40 2.27
C GLU A 84 -13.79 -14.04 3.51
N HIS A 85 -12.77 -14.88 3.31
CA HIS A 85 -12.08 -15.51 4.41
C HIS A 85 -11.07 -14.52 4.91
N MET A 86 -11.15 -14.19 6.19
CA MET A 86 -10.21 -13.27 6.83
C MET A 86 -9.23 -14.07 7.70
N ASP A 87 -8.00 -14.22 7.24
CA ASP A 87 -7.06 -15.18 7.84
C ASP A 87 -6.57 -14.79 9.23
N GLY A 88 -6.87 -13.57 9.65
CA GLY A 88 -6.47 -13.16 10.99
C GLY A 88 -7.54 -13.40 12.04
N GLY A 89 -8.71 -13.88 11.62
CA GLY A 89 -9.86 -14.05 12.51
C GLY A 89 -10.47 -12.73 13.00
N SER A 90 -11.16 -12.79 14.13
CA SER A 90 -11.82 -11.63 14.76
C SER A 90 -10.94 -10.98 15.82
N LEU A 91 -11.24 -9.72 16.14
CA LEU A 91 -10.50 -9.03 17.20
C LEU A 91 -10.74 -9.66 18.57
N ASP A 92 -11.84 -10.39 18.70
CA ASP A 92 -12.09 -11.15 19.90
C ASP A 92 -10.99 -12.22 20.14
N GLN A 93 -10.68 -12.99 19.10
CA GLN A 93 -9.61 -13.99 19.24
C GLN A 93 -8.21 -13.36 19.23
N VAL A 94 -8.05 -12.23 18.54
CA VAL A 94 -6.79 -11.48 18.63
C VAL A 94 -6.59 -11.00 20.08
N LEU A 95 -7.66 -10.46 20.68
CA LEU A 95 -7.59 -10.02 22.08
C LEU A 95 -7.14 -11.13 23.04
N LYS A 96 -7.70 -12.32 22.89
CA LYS A 96 -7.29 -13.47 23.70
C LYS A 96 -5.78 -13.72 23.65
N LYS A 97 -5.19 -13.70 22.45
CA LYS A 97 -3.75 -13.94 22.28
C LYS A 97 -2.91 -12.77 22.74
N ALA A 98 -3.37 -11.55 22.45
CA ALA A 98 -2.62 -10.34 22.78
C ALA A 98 -2.71 -9.93 24.26
N GLY A 99 -3.76 -10.36 24.95
CA GLY A 99 -4.05 -9.85 26.29
C GLY A 99 -4.71 -8.48 26.24
N ARG A 100 -4.00 -7.48 25.69
CA ARG A 100 -4.57 -6.16 25.39
C ARG A 100 -4.06 -5.71 24.04
N ILE A 101 -4.84 -4.89 23.34
CA ILE A 101 -4.40 -4.34 22.07
C ILE A 101 -3.98 -2.89 22.30
N PRO A 102 -2.78 -2.49 21.83
CA PRO A 102 -2.30 -1.13 22.16
C PRO A 102 -3.06 -0.03 21.43
N GLU A 103 -2.96 1.17 21.97
CA GLU A 103 -3.70 2.33 21.52
C GLU A 103 -3.54 2.62 20.04
N GLN A 104 -2.32 2.49 19.53
CA GLN A 104 -2.06 2.89 18.14
C GLN A 104 -2.70 1.90 17.17
N ILE A 105 -2.70 0.61 17.51
CA ILE A 105 -3.48 -0.37 16.77
C ILE A 105 -4.96 -0.02 16.86
N LEU A 106 -5.45 0.25 18.07
CA LEU A 106 -6.87 0.56 18.24
C LEU A 106 -7.28 1.82 17.49
N GLY A 107 -6.31 2.70 17.23
CA GLY A 107 -6.53 3.87 16.37
C GLY A 107 -6.83 3.46 14.93
N LYS A 108 -6.06 2.51 14.40
CA LYS A 108 -6.34 1.99 13.06
C LYS A 108 -7.66 1.24 13.00
N VAL A 109 -8.01 0.53 14.09
CA VAL A 109 -9.28 -0.19 14.17
C VAL A 109 -10.45 0.81 14.20
N SER A 110 -10.27 1.87 15.00
CA SER A 110 -11.28 2.93 15.09
C SER A 110 -11.58 3.54 13.73
N ILE A 111 -10.53 3.85 12.99
CA ILE A 111 -10.69 4.41 11.64
C ILE A 111 -11.47 3.46 10.74
N ALA A 112 -11.08 2.18 10.73
CA ALA A 112 -11.74 1.19 9.89
C ALA A 112 -13.19 1.02 10.27
N VAL A 113 -13.48 0.98 11.56
CA VAL A 113 -14.86 0.83 12.04
C VAL A 113 -15.71 2.05 11.65
N ILE A 114 -15.19 3.26 11.86
CA ILE A 114 -15.92 4.48 11.48
C ILE A 114 -16.24 4.52 9.99
N LYS A 115 -15.26 4.17 9.17
CA LYS A 115 -15.43 4.19 7.73
C LYS A 115 -16.36 3.09 7.26
N GLY A 116 -16.30 1.92 7.92
CA GLY A 116 -17.22 0.83 7.62
C GLY A 116 -18.66 1.21 7.92
N LEU A 117 -18.87 1.82 9.09
CA LEU A 117 -20.22 2.22 9.48
C LEU A 117 -20.74 3.37 8.59
N THR A 118 -19.86 4.30 8.24
CA THR A 118 -20.18 5.39 7.31
C THR A 118 -20.61 4.83 5.94
N TYR A 119 -19.80 3.93 5.38
CA TYR A 119 -20.18 3.21 4.16
C TYR A 119 -21.55 2.52 4.29
N LEU A 120 -21.78 1.76 5.35
CA LEU A 120 -23.08 1.05 5.50
C LEU A 120 -24.24 2.04 5.59
N ARG A 121 -24.05 3.11 6.34
CA ARG A 121 -25.11 4.14 6.41
C ARG A 121 -25.29 4.88 5.07
N GLU A 122 -24.21 5.38 4.50
CA GLU A 122 -24.34 6.32 3.38
C GLU A 122 -24.71 5.63 2.08
N LYS A 123 -24.20 4.43 1.86
CA LYS A 123 -24.44 3.72 0.62
C LYS A 123 -25.61 2.72 0.70
N HIS A 124 -25.85 2.16 1.89
CA HIS A 124 -26.87 1.13 2.03
C HIS A 124 -27.98 1.44 3.01
N LYS A 125 -27.88 2.57 3.70
CA LYS A 125 -28.89 3.01 4.67
C LYS A 125 -29.17 1.93 5.70
N ILE A 126 -28.10 1.28 6.13
CA ILE A 126 -28.14 0.15 7.04
C ILE A 126 -27.41 0.61 8.30
N MET A 127 -27.99 0.37 9.48
CA MET A 127 -27.19 0.43 10.70
C MET A 127 -26.62 -0.96 10.97
N HIS A 128 -25.52 -1.05 11.69
CA HIS A 128 -24.86 -2.35 11.88
C HIS A 128 -25.63 -3.25 12.81
N ARG A 129 -25.90 -2.74 14.02
CA ARG A 129 -26.67 -3.41 15.08
C ARG A 129 -25.90 -4.41 15.94
N ASP A 130 -24.68 -4.76 15.54
CA ASP A 130 -23.94 -5.79 16.29
C ASP A 130 -22.44 -5.55 16.24
N VAL A 131 -22.03 -4.32 16.55
CA VAL A 131 -20.60 -4.00 16.63
C VAL A 131 -20.10 -4.57 17.94
N LYS A 132 -19.04 -5.37 17.86
CA LYS A 132 -18.36 -5.97 19.00
C LYS A 132 -17.07 -6.60 18.47
N PRO A 133 -16.10 -6.94 19.36
CA PRO A 133 -14.83 -7.42 18.81
C PRO A 133 -14.96 -8.66 17.89
N SER A 134 -15.89 -9.57 18.18
CA SER A 134 -16.00 -10.79 17.35
C SER A 134 -16.50 -10.51 15.91
N ASN A 135 -17.01 -9.29 15.68
CA ASN A 135 -17.57 -8.91 14.37
C ASN A 135 -16.69 -7.88 13.63
N ILE A 136 -15.47 -7.72 14.13
CA ILE A 136 -14.47 -6.96 13.42
C ILE A 136 -13.39 -7.94 13.06
N LEU A 137 -13.18 -8.14 11.76
CA LEU A 137 -12.24 -9.16 11.31
C LEU A 137 -11.01 -8.52 10.71
N VAL A 138 -9.89 -9.23 10.79
CA VAL A 138 -8.60 -8.72 10.34
C VAL A 138 -7.88 -9.76 9.48
N ASN A 139 -6.90 -9.33 8.69
CA ASN A 139 -6.15 -10.28 7.88
C ASN A 139 -4.68 -9.91 7.82
N SER A 140 -3.87 -10.75 7.20
CA SER A 140 -2.43 -10.61 7.23
C SER A 140 -1.92 -9.56 6.24
N ARG A 141 -2.83 -8.99 5.45
CA ARG A 141 -2.51 -7.82 4.67
C ARG A 141 -2.78 -6.56 5.49
N GLY A 142 -3.19 -6.75 6.74
CA GLY A 142 -3.41 -5.63 7.66
C GLY A 142 -4.73 -4.91 7.47
N GLU A 143 -5.70 -5.58 6.87
CA GLU A 143 -7.02 -4.99 6.70
C GLU A 143 -7.90 -5.27 7.92
N ILE A 144 -8.84 -4.36 8.17
CA ILE A 144 -9.76 -4.43 9.28
C ILE A 144 -11.17 -4.19 8.72
N LYS A 145 -12.07 -5.15 8.92
CA LYS A 145 -13.38 -5.14 8.24
C LYS A 145 -14.52 -5.53 9.15
N LEU A 146 -15.66 -4.89 8.94
CA LEU A 146 -16.90 -5.24 9.64
C LEU A 146 -17.66 -6.38 8.97
N CYS A 147 -18.25 -7.23 9.80
CA CYS A 147 -19.10 -8.28 9.32
C CYS A 147 -20.34 -8.36 10.22
N ASP A 148 -21.29 -9.21 9.83
CA ASP A 148 -22.44 -9.57 10.65
C ASP A 148 -23.36 -8.38 10.97
N PHE A 149 -23.47 -7.45 10.03
CA PHE A 149 -24.40 -6.33 10.17
C PHE A 149 -25.81 -6.75 9.73
N GLY A 150 -26.82 -6.02 10.20
CA GLY A 150 -28.21 -6.42 10.02
C GLY A 150 -28.82 -6.02 8.68
N VAL A 151 -28.39 -6.64 7.59
CA VAL A 151 -29.03 -6.41 6.28
C VAL A 151 -30.41 -7.02 6.18
N SER A 152 -30.63 -8.12 6.90
CA SER A 152 -31.90 -8.85 6.82
C SER A 152 -32.65 -8.84 8.15
N GLY A 153 -33.74 -8.08 8.20
CA GLY A 153 -34.64 -8.02 9.36
C GLY A 153 -35.23 -9.38 9.69
N GLN A 154 -35.56 -10.15 8.65
CA GLN A 154 -36.11 -11.48 8.85
C GLN A 154 -35.11 -12.45 9.46
N LEU A 155 -33.84 -12.34 9.04
CA LEU A 155 -32.80 -13.18 9.63
C LEU A 155 -32.61 -12.83 11.12
N ILE A 156 -32.65 -11.53 11.42
CA ILE A 156 -32.61 -11.04 12.80
C ILE A 156 -33.73 -11.68 13.63
N ASP A 157 -34.96 -11.59 13.14
CA ASP A 157 -36.15 -12.14 13.82
C ASP A 157 -36.11 -13.66 14.01
N SER A 158 -35.62 -14.38 13.00
CA SER A 158 -35.59 -15.84 13.05
C SER A 158 -34.51 -16.36 14.02
N MET A 159 -33.51 -15.53 14.30
CA MET A 159 -32.47 -15.89 15.25
C MET A 159 -32.78 -15.47 16.70
N ALA A 160 -33.57 -14.42 16.87
CA ALA A 160 -33.94 -13.92 18.20
C ALA A 160 -34.84 -14.90 18.95
N THR A 166 -23.89 -13.39 27.87
CA THR A 166 -22.78 -13.03 28.75
C THR A 166 -22.48 -11.53 28.64
N ARG A 167 -21.98 -11.12 27.46
CA ARG A 167 -21.61 -9.73 27.19
C ARG A 167 -22.75 -9.01 26.46
N SER A 168 -23.01 -7.76 26.85
CA SER A 168 -23.88 -6.90 26.05
C SER A 168 -23.16 -5.64 25.61
N TYR A 169 -23.26 -5.37 24.32
CA TYR A 169 -22.67 -4.21 23.72
C TYR A 169 -23.75 -3.24 23.30
N MET A 170 -25.00 -3.51 23.67
CA MET A 170 -26.13 -2.65 23.31
C MET A 170 -26.18 -1.35 24.12
N SER A 171 -26.42 -0.23 23.42
CA SER A 171 -26.48 1.09 24.05
C SER A 171 -27.60 1.20 25.09
N PRO A 172 -27.48 2.18 26.04
CA PRO A 172 -28.53 2.43 27.03
C PRO A 172 -29.92 2.60 26.39
N GLU A 173 -30.02 3.43 25.35
CA GLU A 173 -31.33 3.67 24.70
C GLU A 173 -31.96 2.38 24.13
N ARG A 174 -31.14 1.50 23.57
CA ARG A 174 -31.63 0.25 23.01
C ARG A 174 -32.13 -0.68 24.10
N LEU A 175 -31.39 -0.73 25.21
CA LEU A 175 -31.72 -1.61 26.32
C LEU A 175 -32.99 -1.15 27.03
N GLN A 176 -33.28 0.14 26.98
CA GLN A 176 -34.50 0.64 27.62
C GLN A 176 -35.74 0.68 26.70
N GLY A 177 -35.58 0.13 25.49
CA GLY A 177 -36.67 0.01 24.53
C GLY A 177 -37.15 1.31 23.90
N THR A 178 -36.30 2.34 23.86
CA THR A 178 -36.67 3.61 23.23
C THR A 178 -35.96 3.78 21.87
N HIS A 179 -36.02 4.99 21.33
CA HIS A 179 -35.48 5.26 20.01
C HIS A 179 -34.01 4.93 19.92
N TYR A 180 -33.62 4.28 18.82
CA TYR A 180 -32.19 4.13 18.53
C TYR A 180 -31.89 4.22 17.06
N SER A 181 -30.64 4.57 16.74
CA SER A 181 -30.19 4.73 15.35
C SER A 181 -28.75 4.25 15.27
N VAL A 182 -28.05 4.72 14.24
CA VAL A 182 -26.62 4.43 14.07
C VAL A 182 -25.81 4.88 15.30
N GLN A 183 -26.37 5.81 16.05
CA GLN A 183 -25.73 6.25 17.30
C GLN A 183 -25.48 5.09 18.25
N SER A 184 -26.38 4.10 18.28
CA SER A 184 -26.19 2.95 19.16
C SER A 184 -24.97 2.13 18.75
N ASP A 185 -24.65 2.09 17.44
CA ASP A 185 -23.40 1.47 16.94
C ASP A 185 -22.14 2.18 17.47
N ILE A 186 -22.21 3.49 17.63
CA ILE A 186 -21.05 4.26 18.15
C ILE A 186 -20.79 3.87 19.60
N TRP A 187 -21.85 3.72 20.38
CA TRP A 187 -21.75 3.22 21.75
C TRP A 187 -21.06 1.88 21.76
N SER A 188 -21.52 0.96 20.90
CA SER A 188 -20.94 -0.39 20.81
C SER A 188 -19.46 -0.35 20.45
N MET A 189 -19.09 0.58 19.56
CA MET A 189 -17.69 0.73 19.20
C MET A 189 -16.86 1.24 20.39
N GLY A 190 -17.39 2.23 21.09
CA GLY A 190 -16.73 2.79 22.26
C GLY A 190 -16.43 1.71 23.28
N LEU A 191 -17.45 0.92 23.60
CA LEU A 191 -17.34 -0.16 24.57
C LEU A 191 -16.36 -1.25 24.11
N SER A 192 -16.41 -1.58 22.83
CA SER A 192 -15.49 -2.55 22.22
C SER A 192 -14.05 -2.10 22.38
N LEU A 193 -13.82 -0.79 22.16
CA LEU A 193 -12.49 -0.20 22.29
C LEU A 193 -11.98 -0.26 23.72
N VAL A 194 -12.84 0.05 24.71
CA VAL A 194 -12.42 -0.06 26.11
C VAL A 194 -12.06 -1.52 26.41
N GLU A 195 -12.90 -2.47 25.98
CA GLU A 195 -12.64 -3.88 26.23
C GLU A 195 -11.25 -4.28 25.73
N MET A 196 -10.95 -3.94 24.48
CA MET A 196 -9.71 -4.33 23.83
C MET A 196 -8.49 -3.60 24.43
N ALA A 197 -8.71 -2.35 24.86
CA ALA A 197 -7.66 -1.52 25.49
C ALA A 197 -7.23 -2.04 26.84
N VAL A 198 -8.19 -2.56 27.61
CA VAL A 198 -7.88 -3.03 28.96
C VAL A 198 -7.78 -4.54 29.05
N GLY A 199 -8.28 -5.26 28.04
CA GLY A 199 -8.17 -6.72 27.99
C GLY A 199 -9.30 -7.48 28.63
N ARG A 200 -10.32 -6.75 29.10
CA ARG A 200 -11.47 -7.33 29.78
C ARG A 200 -12.72 -6.55 29.39
N TYR A 201 -13.85 -7.25 29.26
CA TYR A 201 -15.14 -6.59 29.16
C TYR A 201 -15.32 -5.67 30.37
N PRO A 202 -15.48 -4.36 30.14
CA PRO A 202 -15.22 -3.37 31.17
C PRO A 202 -16.39 -2.99 32.10
N ILE A 203 -17.50 -3.73 32.03
CA ILE A 203 -18.63 -3.49 32.93
C ILE A 203 -18.80 -4.74 33.80
N PRO A 204 -18.73 -4.59 35.14
CA PRO A 204 -18.47 -3.35 35.89
C PRO A 204 -17.00 -2.93 35.83
N PRO A 205 -16.71 -1.62 36.05
CA PRO A 205 -15.34 -1.08 35.98
C PRO A 205 -14.35 -1.87 36.85
N PRO A 206 -13.09 -1.98 36.38
CA PRO A 206 -12.01 -2.47 37.25
C PRO A 206 -11.79 -1.47 38.38
N ASP A 207 -11.56 -1.98 39.59
CA ASP A 207 -11.39 -1.14 40.78
C ASP A 207 -9.97 -0.54 40.90
N ALA A 208 -9.27 -0.84 42.00
CA ALA A 208 -7.92 -0.33 42.23
C ALA A 208 -6.87 -1.38 41.92
N LYS A 209 -6.98 -2.54 42.58
CA LYS A 209 -6.00 -3.64 42.47
C LYS A 209 -6.09 -4.42 41.15
N GLU A 210 -7.20 -4.25 40.44
CA GLU A 210 -7.37 -4.87 39.13
C GLU A 210 -6.64 -4.07 38.05
N LEU A 211 -6.70 -2.74 38.19
CA LEU A 211 -5.95 -1.84 37.31
C LEU A 211 -4.44 -1.94 37.59
N GLU A 212 -4.10 -2.20 38.86
CA GLU A 212 -2.72 -2.41 39.29
C GLU A 212 -2.07 -3.60 38.57
N LEU A 213 -2.75 -4.74 38.61
CA LEU A 213 -2.24 -5.99 38.00
C LEU A 213 -2.02 -5.91 36.50
N MET A 214 -2.90 -5.19 35.80
CA MET A 214 -2.79 -5.04 34.35
C MET A 214 -1.81 -3.93 33.95
N PHE A 215 -1.86 -2.81 34.67
CA PHE A 215 -1.02 -1.65 34.36
C PHE A 215 -0.10 -1.30 35.53
N PRO A 246 -17.70 -11.37 42.13
CA PRO A 246 -18.44 -12.38 41.36
C PRO A 246 -19.05 -11.79 40.09
N PRO A 247 -19.05 -12.57 38.98
CA PRO A 247 -19.59 -12.11 37.69
C PRO A 247 -21.04 -11.62 37.77
N MET A 248 -21.44 -10.83 36.78
CA MET A 248 -22.71 -10.12 36.81
C MET A 248 -23.72 -10.83 35.92
N ALA A 249 -24.88 -11.15 36.49
CA ALA A 249 -25.97 -11.78 35.74
C ALA A 249 -26.53 -10.82 34.68
N ILE A 250 -27.11 -11.39 33.63
CA ILE A 250 -27.53 -10.63 32.45
C ILE A 250 -28.51 -9.49 32.76
N PHE A 251 -29.48 -9.73 33.65
CA PHE A 251 -30.45 -8.70 34.04
C PHE A 251 -29.80 -7.60 34.86
N GLU A 252 -28.84 -7.99 35.71
CA GLU A 252 -28.08 -7.03 36.51
C GLU A 252 -27.15 -6.19 35.62
N LEU A 253 -26.60 -6.83 34.59
CA LEU A 253 -25.70 -6.16 33.64
C LEU A 253 -26.47 -5.09 32.86
N LEU A 254 -27.62 -5.47 32.32
CA LEU A 254 -28.44 -4.60 31.51
C LEU A 254 -28.89 -3.37 32.28
N ASP A 255 -29.31 -3.59 33.52
CA ASP A 255 -29.70 -2.48 34.37
C ASP A 255 -28.49 -1.63 34.80
N TYR A 256 -27.31 -2.22 34.91
CA TYR A 256 -26.09 -1.46 35.13
C TYR A 256 -25.80 -0.48 33.98
N ILE A 257 -25.87 -0.98 32.75
CA ILE A 257 -25.60 -0.18 31.56
C ILE A 257 -26.52 1.03 31.46
N VAL A 258 -27.80 0.83 31.79
CA VAL A 258 -28.81 1.87 31.70
C VAL A 258 -28.67 2.92 32.81
N ASN A 259 -28.29 2.49 34.01
CA ASN A 259 -28.36 3.34 35.20
C ASN A 259 -27.06 3.88 35.72
N GLU A 260 -25.97 3.16 35.51
CA GLU A 260 -24.67 3.61 36.00
C GLU A 260 -23.93 4.51 34.99
N PRO A 261 -22.93 5.27 35.46
CA PRO A 261 -22.07 6.05 34.56
C PRO A 261 -21.36 5.13 33.56
N PRO A 262 -21.10 5.64 32.34
CA PRO A 262 -20.45 4.84 31.28
C PRO A 262 -19.03 4.41 31.64
N PRO A 263 -18.55 3.30 31.05
CA PRO A 263 -17.14 2.90 31.23
C PRO A 263 -16.19 3.95 30.67
N LYS A 264 -14.99 3.99 31.25
CA LYS A 264 -13.95 4.91 30.78
C LYS A 264 -12.59 4.23 30.82
N LEU A 265 -11.65 4.76 30.05
CA LEU A 265 -10.29 4.26 30.09
C LEU A 265 -9.59 4.77 31.34
N PRO A 266 -8.63 3.97 31.89
CA PRO A 266 -7.68 4.47 32.91
C PRO A 266 -6.85 5.64 32.37
N SER A 267 -6.54 6.59 33.25
CA SER A 267 -6.11 7.94 32.80
C SER A 267 -4.60 8.22 32.70
N GLY A 268 -3.77 7.27 33.10
CA GLY A 268 -2.33 7.43 33.01
C GLY A 268 -1.74 6.80 31.77
N VAL A 269 -2.25 5.62 31.42
CA VAL A 269 -1.66 4.76 30.39
C VAL A 269 -2.05 5.14 28.95
N PHE A 270 -3.22 5.75 28.77
CA PHE A 270 -3.69 6.09 27.42
C PHE A 270 -3.63 7.60 27.21
N SER A 271 -3.43 8.03 25.98
CA SER A 271 -3.36 9.47 25.67
C SER A 271 -4.69 10.15 26.01
N LEU A 272 -4.63 11.46 26.24
CA LEU A 272 -5.84 12.22 26.52
C LEU A 272 -6.79 12.21 25.32
N GLU A 273 -6.25 12.25 24.11
CA GLU A 273 -7.04 12.20 22.88
C GLU A 273 -7.85 10.89 22.78
N PHE A 274 -7.21 9.77 23.12
CA PHE A 274 -7.88 8.44 23.13
C PHE A 274 -8.98 8.39 24.19
N GLN A 275 -8.68 8.92 25.38
CA GLN A 275 -9.66 8.93 26.45
C GLN A 275 -10.87 9.77 26.06
N ASP A 276 -10.62 10.96 25.50
CA ASP A 276 -11.69 11.84 25.06
C ASP A 276 -12.49 11.19 23.93
N PHE A 277 -11.81 10.48 23.03
CA PHE A 277 -12.48 9.79 21.92
C PHE A 277 -13.49 8.78 22.47
N VAL A 278 -13.02 7.89 23.35
CA VAL A 278 -13.87 6.89 23.96
C VAL A 278 -15.02 7.51 24.76
N ASN A 279 -14.73 8.56 25.52
CA ASN A 279 -15.75 9.33 26.24
C ASN A 279 -16.88 9.86 25.35
N LYS A 280 -16.53 10.45 24.21
CA LYS A 280 -17.53 10.96 23.26
C LYS A 280 -18.39 9.83 22.65
N CYS A 281 -17.81 8.65 22.53
CA CYS A 281 -18.53 7.47 22.05
C CYS A 281 -19.49 6.91 23.10
N LEU A 282 -19.14 7.09 24.38
CA LEU A 282 -19.92 6.46 25.45
C LEU A 282 -20.82 7.42 26.23
N ILE A 283 -21.07 8.60 25.68
CA ILE A 283 -22.12 9.48 26.23
C ILE A 283 -23.47 8.75 26.20
N LYS A 284 -24.17 8.71 27.33
CA LYS A 284 -25.39 7.89 27.43
C LYS A 284 -26.57 8.43 26.60
N ASN A 285 -26.70 9.75 26.57
CA ASN A 285 -27.67 10.44 25.71
C ASN A 285 -27.21 10.40 24.24
N PRO A 286 -27.90 9.59 23.39
CA PRO A 286 -27.48 9.39 21.99
C PRO A 286 -27.52 10.67 21.15
N ALA A 287 -28.33 11.63 21.55
CA ALA A 287 -28.32 12.96 20.91
C ALA A 287 -27.04 13.77 21.20
N GLU A 288 -26.39 13.53 22.34
CA GLU A 288 -25.14 14.24 22.69
C GLU A 288 -23.87 13.45 22.32
N ARG A 289 -24.00 12.13 22.23
CA ARG A 289 -22.92 11.24 21.78
C ARG A 289 -22.42 11.70 20.41
N ALA A 290 -21.11 11.64 20.19
CA ALA A 290 -20.57 12.00 18.87
C ALA A 290 -21.22 11.18 17.74
N ASP A 291 -21.34 11.77 16.57
CA ASP A 291 -21.79 11.01 15.41
C ASP A 291 -20.58 10.68 14.51
N LEU A 292 -20.82 9.87 13.49
CA LEU A 292 -19.75 9.41 12.60
C LEU A 292 -18.92 10.55 11.96
N LYS A 293 -19.60 11.61 11.56
CA LYS A 293 -18.92 12.76 10.97
C LYS A 293 -17.99 13.47 11.97
N GLN A 294 -18.43 13.58 13.23
CA GLN A 294 -17.63 14.24 14.26
C GLN A 294 -16.42 13.37 14.63
N LEU A 295 -16.64 12.07 14.72
CA LEU A 295 -15.54 11.14 15.03
C LEU A 295 -14.43 11.18 13.98
N MET A 296 -14.81 11.23 12.70
CA MET A 296 -13.83 11.25 11.60
C MET A 296 -12.82 12.38 11.77
N VAL A 297 -13.24 13.42 12.48
CA VAL A 297 -12.47 14.65 12.61
C VAL A 297 -11.88 14.83 14.01
N HIS A 298 -12.12 13.86 14.88
CA HIS A 298 -11.59 13.88 16.24
C HIS A 298 -10.09 13.82 16.22
N ALA A 299 -9.46 14.48 17.20
CA ALA A 299 -8.00 14.51 17.32
C ALA A 299 -7.38 13.10 17.36
N PHE A 300 -8.03 12.18 18.06
CA PHE A 300 -7.51 10.81 18.12
C PHE A 300 -7.43 10.21 16.70
N ILE A 301 -8.45 10.48 15.90
CA ILE A 301 -8.54 9.93 14.55
C ILE A 301 -7.55 10.58 13.60
N LYS A 302 -7.43 11.91 13.66
CA LYS A 302 -6.45 12.64 12.84
C LYS A 302 -5.03 12.17 13.14
N ARG A 303 -4.71 12.01 14.41
CA ARG A 303 -3.37 11.55 14.79
C ARG A 303 -3.14 10.10 14.32
N SER A 304 -4.10 9.22 14.61
CA SER A 304 -4.01 7.81 14.24
C SER A 304 -3.85 7.64 12.73
N ASP A 305 -4.60 8.43 11.96
CA ASP A 305 -4.55 8.34 10.51
C ASP A 305 -3.16 8.69 9.95
N ALA A 306 -2.50 9.64 10.60
CA ALA A 306 -1.16 10.04 10.17
C ALA A 306 -0.04 9.11 10.65
N GLU A 307 -0.29 8.28 11.67
CA GLU A 307 0.74 7.39 12.23
C GLU A 307 1.09 6.24 11.30
N GLU A 308 2.36 5.86 11.32
CA GLU A 308 2.80 4.70 10.53
C GLU A 308 2.80 3.46 11.44
N VAL A 309 1.76 2.65 11.29
CA VAL A 309 1.59 1.46 12.11
C VAL A 309 1.63 0.23 11.20
N ASP A 310 2.61 -0.63 11.40
CA ASP A 310 2.68 -1.89 10.69
C ASP A 310 1.74 -2.89 11.38
N PHE A 311 0.45 -2.81 11.05
CA PHE A 311 -0.55 -3.64 11.72
C PHE A 311 -0.39 -5.11 11.33
N ALA A 312 -0.17 -5.35 10.03
CA ALA A 312 0.04 -6.71 9.52
C ALA A 312 1.15 -7.39 10.28
N GLY A 313 2.29 -6.71 10.42
CA GLY A 313 3.45 -7.24 11.14
C GLY A 313 3.15 -7.51 12.60
N TRP A 314 2.46 -6.57 13.25
CA TRP A 314 2.02 -6.76 14.62
C TRP A 314 1.09 -7.95 14.75
N LEU A 315 0.13 -8.06 13.83
CA LEU A 315 -0.89 -9.11 13.88
C LEU A 315 -0.25 -10.49 13.71
N CYS A 316 0.56 -10.62 12.66
CA CYS A 316 1.18 -11.89 12.33
C CYS A 316 2.02 -12.43 13.47
N SER A 317 2.81 -11.59 14.10
CA SER A 317 3.61 -12.03 15.25
C SER A 317 2.80 -12.26 16.56
N THR A 318 1.70 -11.54 16.77
CA THR A 318 0.92 -11.78 18.00
C THR A 318 0.06 -13.04 17.93
N ILE A 319 -0.40 -13.41 16.74
CA ILE A 319 -1.23 -14.61 16.62
C ILE A 319 -0.51 -15.75 15.91
N GLY A 320 0.72 -15.48 15.48
CA GLY A 320 1.54 -16.51 14.81
C GLY A 320 1.11 -16.86 13.39
N LEU A 321 0.97 -15.85 12.55
CA LEU A 321 0.73 -16.06 11.11
C LEU A 321 2.00 -15.86 10.29
N ASN A 322 1.93 -16.13 8.99
CA ASN A 322 3.05 -15.88 8.09
C ASN A 322 3.04 -14.46 7.53
N MET B 1 5.02 8.42 24.89
CA MET B 1 4.91 6.95 25.12
C MET B 1 6.00 6.46 26.06
N GLU B 2 5.73 5.34 26.73
CA GLU B 2 6.76 4.61 27.43
C GLU B 2 7.58 3.83 26.42
N LEU B 3 8.91 3.98 26.48
CA LEU B 3 9.81 3.33 25.53
C LEU B 3 11.04 2.77 26.25
N LYS B 4 11.53 1.62 25.76
CA LYS B 4 12.76 1.04 26.29
C LYS B 4 13.48 0.25 25.20
N ASP B 5 14.79 0.03 25.38
CA ASP B 5 15.63 -0.50 24.31
C ASP B 5 15.12 -1.83 23.76
N ASP B 6 14.61 -2.67 24.66
CA ASP B 6 14.15 -4.00 24.33
C ASP B 6 12.93 -4.01 23.37
N ASP B 7 12.14 -2.94 23.40
CA ASP B 7 10.96 -2.79 22.54
C ASP B 7 11.28 -2.73 21.06
N PHE B 8 12.53 -2.38 20.72
CA PHE B 8 12.87 -1.97 19.37
C PHE B 8 13.54 -3.04 18.52
N GLU B 9 13.26 -2.98 17.23
CA GLU B 9 13.91 -3.83 16.24
C GLU B 9 14.34 -2.96 15.07
N LYS B 10 15.64 -2.97 14.77
CA LYS B 10 16.18 -2.25 13.62
C LYS B 10 15.57 -2.73 12.32
N ILE B 11 15.21 -1.78 11.46
CA ILE B 11 14.80 -2.08 10.09
C ILE B 11 15.94 -1.70 9.15
N SER B 12 16.40 -0.45 9.26
CA SER B 12 17.50 0.07 8.44
C SER B 12 18.17 1.28 9.09
N GLU B 13 19.31 1.69 8.53
CA GLU B 13 19.99 2.91 8.96
C GLU B 13 19.58 4.05 8.03
N LEU B 14 18.96 5.09 8.59
CA LEU B 14 18.54 6.25 7.80
C LEU B 14 19.69 7.19 7.46
N GLY B 15 20.70 7.24 8.31
CA GLY B 15 21.87 8.09 8.08
C GLY B 15 22.58 8.44 9.37
N ALA B 16 23.73 9.11 9.24
CA ALA B 16 24.59 9.42 10.39
C ALA B 16 25.10 10.85 10.33
N GLY B 17 24.94 11.59 11.42
CA GLY B 17 25.53 12.92 11.52
C GLY B 17 26.91 12.85 12.14
N ASN B 18 27.40 14.00 12.59
CA ASN B 18 28.71 14.08 13.23
C ASN B 18 28.76 13.47 14.64
N GLY B 19 27.63 13.53 15.36
CA GLY B 19 27.60 13.10 16.75
C GLY B 19 26.55 12.06 17.08
N GLY B 20 25.80 11.64 16.07
CA GLY B 20 24.73 10.67 16.25
C GLY B 20 24.44 9.82 15.02
N VAL B 21 23.66 8.77 15.21
CA VAL B 21 23.22 7.91 14.12
C VAL B 21 21.71 7.72 14.24
N VAL B 22 21.03 7.54 13.11
CA VAL B 22 19.57 7.45 13.09
C VAL B 22 19.13 6.17 12.36
N PHE B 23 18.37 5.34 13.07
CA PHE B 23 17.82 4.11 12.49
C PHE B 23 16.30 4.21 12.27
N LYS B 24 15.84 3.63 11.17
CA LYS B 24 14.42 3.31 11.03
C LYS B 24 14.16 2.03 11.83
N VAL B 25 13.21 2.09 12.76
CA VAL B 25 12.98 0.98 13.69
C VAL B 25 11.51 0.64 13.81
N SER B 26 11.25 -0.63 14.17
CA SER B 26 9.94 -1.06 14.60
C SER B 26 9.85 -1.01 16.11
N HIS B 27 8.81 -0.35 16.62
CA HIS B 27 8.51 -0.43 18.04
C HIS B 27 7.55 -1.57 18.17
N LYS B 28 8.06 -2.73 18.60
CA LYS B 28 7.30 -3.99 18.55
C LYS B 28 5.98 -4.00 19.33
N PRO B 29 5.98 -3.50 20.58
CA PRO B 29 4.71 -3.54 21.32
C PRO B 29 3.56 -2.77 20.66
N SER B 30 3.84 -1.67 19.98
CA SER B 30 2.77 -0.82 19.44
C SER B 30 2.49 -1.00 17.95
N GLY B 31 3.48 -1.53 17.23
CA GLY B 31 3.40 -1.63 15.78
C GLY B 31 3.93 -0.41 15.05
N LEU B 32 4.29 0.63 15.80
CA LEU B 32 4.79 1.86 15.20
C LEU B 32 6.11 1.68 14.47
N VAL B 33 6.25 2.36 13.36
CA VAL B 33 7.53 2.55 12.72
C VAL B 33 8.03 3.94 13.13
N MET B 34 9.25 4.01 13.67
CA MET B 34 9.83 5.28 14.13
C MET B 34 11.24 5.49 13.56
N ALA B 35 11.73 6.73 13.69
CA ALA B 35 13.13 7.03 13.52
C ALA B 35 13.75 7.16 14.91
N ARG B 36 14.76 6.35 15.18
CA ARG B 36 15.44 6.35 16.47
C ARG B 36 16.85 6.92 16.34
N LYS B 37 17.06 8.08 16.94
CA LYS B 37 18.36 8.73 16.93
C LYS B 37 19.11 8.34 18.19
N LEU B 38 20.38 7.97 18.02
CA LEU B 38 21.22 7.63 19.17
C LEU B 38 22.35 8.64 19.25
N ILE B 39 22.53 9.20 20.44
CA ILE B 39 23.60 10.14 20.69
C ILE B 39 24.48 9.58 21.80
N HIS B 40 25.76 9.38 21.51
CA HIS B 40 26.69 8.98 22.57
C HIS B 40 27.35 10.19 23.18
N LEU B 41 27.22 10.32 24.49
CA LEU B 41 27.89 11.37 25.26
C LEU B 41 28.61 10.78 26.47
N GLU B 42 29.84 11.20 26.70
CA GLU B 42 30.63 10.75 27.85
C GLU B 42 30.50 11.75 29.00
N ILE B 43 29.28 11.86 29.53
CA ILE B 43 28.94 12.88 30.51
C ILE B 43 28.56 12.26 31.85
N LYS B 44 28.55 13.10 32.89
CA LYS B 44 28.08 12.69 34.21
C LYS B 44 26.58 12.36 34.20
N PRO B 45 26.15 11.35 34.99
CA PRO B 45 24.75 10.92 35.08
C PRO B 45 23.73 12.01 35.45
N ALA B 46 24.13 13.01 36.24
CA ALA B 46 23.24 14.13 36.58
C ALA B 46 22.87 14.97 35.34
N ILE B 47 23.87 15.20 34.50
CA ILE B 47 23.73 16.04 33.31
C ILE B 47 22.93 15.27 32.25
N ARG B 48 23.24 13.99 32.12
CA ARG B 48 22.49 13.08 31.28
C ARG B 48 21.01 13.03 31.64
N ASN B 49 20.72 12.88 32.93
CA ASN B 49 19.34 12.84 33.41
C ASN B 49 18.63 14.16 33.18
N GLN B 50 19.37 15.25 33.33
CA GLN B 50 18.83 16.57 33.04
C GLN B 50 18.42 16.70 31.55
N ILE B 51 19.25 16.17 30.65
CA ILE B 51 18.93 16.17 29.21
C ILE B 51 17.62 15.43 28.93
N ILE B 52 17.52 14.20 29.45
CA ILE B 52 16.29 13.42 29.34
C ILE B 52 15.09 14.20 29.84
N ARG B 53 15.21 14.82 31.01
CA ARG B 53 14.15 15.65 31.55
C ARG B 53 13.77 16.78 30.58
N GLU B 54 14.77 17.49 30.08
CA GLU B 54 14.55 18.60 29.16
C GLU B 54 13.91 18.14 27.84
N LEU B 55 14.32 16.97 27.35
CA LEU B 55 13.75 16.45 26.11
C LEU B 55 12.25 16.14 26.23
N GLN B 56 11.78 15.98 27.47
CA GLN B 56 10.37 15.61 27.69
C GLN B 56 9.42 16.69 27.19
N VAL B 57 9.89 17.93 27.11
CA VAL B 57 9.10 19.03 26.53
C VAL B 57 8.66 18.74 25.08
N LEU B 58 9.41 17.91 24.38
CA LEU B 58 9.05 17.52 23.00
C LEU B 58 7.68 16.82 22.89
N HIS B 59 7.19 16.27 24.01
CA HIS B 59 5.85 15.68 24.06
C HIS B 59 4.80 16.74 23.88
N GLU B 60 5.16 17.99 24.16
CA GLU B 60 4.22 19.11 24.07
C GLU B 60 4.25 19.80 22.72
N CYS B 61 5.19 19.41 21.87
CA CYS B 61 5.26 19.99 20.55
C CYS B 61 4.23 19.29 19.69
N ASN B 62 3.36 20.09 19.08
CA ASN B 62 2.31 19.57 18.23
C ASN B 62 1.99 20.55 17.11
N SER B 63 2.58 20.31 15.95
CA SER B 63 2.42 21.19 14.80
C SER B 63 2.71 20.40 13.52
N PRO B 64 1.98 20.73 12.44
CA PRO B 64 2.25 20.18 11.10
C PRO B 64 3.65 20.48 10.60
N TYR B 65 4.33 21.46 11.20
CA TYR B 65 5.64 21.88 10.69
C TYR B 65 6.80 21.42 11.57
N ILE B 66 6.51 20.52 12.50
CA ILE B 66 7.50 20.03 13.44
C ILE B 66 7.39 18.51 13.49
N VAL B 67 8.52 17.84 13.29
CA VAL B 67 8.57 16.38 13.31
C VAL B 67 8.05 15.82 14.65
N GLY B 68 7.14 14.86 14.59
CA GLY B 68 6.56 14.31 15.82
C GLY B 68 7.57 13.55 16.66
N PHE B 69 7.37 13.59 17.97
CA PHE B 69 8.28 12.99 18.94
C PHE B 69 7.50 11.94 19.72
N TYR B 70 8.13 10.80 19.99
CA TYR B 70 7.47 9.69 20.72
C TYR B 70 8.04 9.47 22.10
N GLY B 71 9.30 9.87 22.31
CA GLY B 71 9.90 9.79 23.64
C GLY B 71 11.41 9.79 23.58
N ALA B 72 12.03 10.00 24.74
CA ALA B 72 13.48 10.00 24.91
C ALA B 72 13.81 9.21 26.17
N PHE B 73 14.88 8.45 26.11
CA PHE B 73 15.35 7.65 27.23
C PHE B 73 16.84 7.36 27.06
N TYR B 74 17.46 6.95 28.16
CA TYR B 74 18.87 6.60 28.17
C TYR B 74 19.04 5.10 28.32
N SER B 75 19.98 4.53 27.57
CA SER B 75 20.27 3.11 27.63
C SER B 75 21.64 2.81 27.01
N ASP B 76 22.42 1.94 27.66
CA ASP B 76 23.72 1.46 27.13
C ASP B 76 24.64 2.58 26.64
N GLY B 77 24.81 3.61 27.46
CA GLY B 77 25.69 4.73 27.11
C GLY B 77 25.20 5.67 26.01
N GLU B 78 23.93 5.55 25.65
CA GLU B 78 23.38 6.35 24.55
C GLU B 78 22.04 7.00 24.89
N ILE B 79 21.89 8.27 24.49
CA ILE B 79 20.60 8.94 24.59
C ILE B 79 19.81 8.63 23.31
N SER B 80 18.63 8.05 23.47
CA SER B 80 17.75 7.73 22.34
C SER B 80 16.66 8.80 22.22
N ILE B 81 16.48 9.34 21.01
CA ILE B 81 15.35 10.22 20.74
C ILE B 81 14.54 9.59 19.60
N CYS B 82 13.31 9.21 19.92
CA CYS B 82 12.44 8.52 18.97
C CYS B 82 11.43 9.47 18.34
N MET B 83 11.49 9.54 17.01
CA MET B 83 10.70 10.46 16.23
C MET B 83 9.78 9.74 15.28
N GLU B 84 8.78 10.48 14.81
CA GLU B 84 8.07 10.21 13.58
C GLU B 84 9.09 9.90 12.47
N HIS B 85 8.86 8.80 11.75
CA HIS B 85 9.68 8.48 10.58
C HIS B 85 9.21 9.31 9.40
N MET B 86 10.12 10.09 8.82
CA MET B 86 9.79 10.90 7.65
C MET B 86 10.34 10.19 6.41
N ASP B 87 9.45 9.64 5.58
CA ASP B 87 9.89 8.68 4.56
C ASP B 87 10.68 9.30 3.39
N GLY B 88 10.64 10.62 3.28
CA GLY B 88 11.39 11.31 2.23
C GLY B 88 12.75 11.79 2.70
N GLY B 89 13.07 11.52 3.97
CA GLY B 89 14.34 11.94 4.57
C GLY B 89 14.47 13.45 4.67
N SER B 90 15.72 13.93 4.74
CA SER B 90 15.94 15.37 4.84
C SER B 90 16.09 15.99 3.45
N LEU B 91 15.99 17.31 3.40
CA LEU B 91 16.25 18.05 2.19
C LEU B 91 17.70 17.89 1.71
N ASP B 92 18.61 17.62 2.64
CA ASP B 92 20.00 17.34 2.30
C ASP B 92 20.09 16.07 1.47
N GLN B 93 19.37 15.04 1.91
CA GLN B 93 19.28 13.78 1.17
C GLN B 93 18.59 13.97 -0.18
N VAL B 94 17.49 14.72 -0.24
CA VAL B 94 16.83 14.89 -1.54
C VAL B 94 17.66 15.72 -2.51
N LEU B 95 18.42 16.68 -1.98
CA LEU B 95 19.36 17.45 -2.79
C LEU B 95 20.40 16.55 -3.49
N LYS B 96 20.85 15.51 -2.79
CA LYS B 96 21.78 14.53 -3.38
C LYS B 96 21.19 13.84 -4.63
N LYS B 97 19.89 13.54 -4.58
CA LYS B 97 19.20 12.92 -5.71
C LYS B 97 18.77 13.93 -6.77
N ALA B 98 18.29 15.09 -6.33
CA ALA B 98 17.69 16.08 -7.23
C ALA B 98 18.72 16.95 -7.96
N GLY B 99 19.89 17.13 -7.35
CA GLY B 99 20.90 18.08 -7.87
C GLY B 99 20.72 19.48 -7.33
N ARG B 100 19.53 20.05 -7.53
CA ARG B 100 19.14 21.32 -6.93
C ARG B 100 17.63 21.31 -6.78
N ILE B 101 17.10 22.10 -5.87
CA ILE B 101 15.65 22.10 -5.65
C ILE B 101 15.03 23.37 -6.28
N PRO B 102 13.99 23.20 -7.10
CA PRO B 102 13.44 24.37 -7.81
C PRO B 102 12.81 25.40 -6.89
N GLU B 103 12.84 26.66 -7.34
CA GLU B 103 12.32 27.80 -6.58
C GLU B 103 10.93 27.60 -5.99
N GLN B 104 10.01 27.05 -6.78
CA GLN B 104 8.61 26.95 -6.36
C GLN B 104 8.47 25.98 -5.18
N ILE B 105 9.27 24.91 -5.20
CA ILE B 105 9.31 23.98 -4.08
C ILE B 105 9.97 24.61 -2.86
N LEU B 106 11.04 25.39 -3.09
CA LEU B 106 11.68 26.13 -2.00
C LEU B 106 10.76 27.19 -1.41
N GLY B 107 9.76 27.63 -2.19
CA GLY B 107 8.67 28.46 -1.66
C GLY B 107 7.85 27.74 -0.59
N LYS B 108 7.44 26.51 -0.89
CA LYS B 108 6.68 25.72 0.09
C LYS B 108 7.57 25.39 1.29
N VAL B 109 8.86 25.17 1.04
CA VAL B 109 9.81 24.91 2.11
C VAL B 109 9.95 26.12 3.05
N SER B 110 10.10 27.31 2.47
CA SER B 110 10.23 28.56 3.24
C SER B 110 9.02 28.81 4.13
N ILE B 111 7.83 28.66 3.57
CA ILE B 111 6.58 28.76 4.33
C ILE B 111 6.59 27.81 5.55
N ALA B 112 6.94 26.54 5.33
CA ALA B 112 6.94 25.55 6.43
C ALA B 112 7.98 25.86 7.49
N VAL B 113 9.17 26.30 7.07
CA VAL B 113 10.23 26.71 8.01
C VAL B 113 9.76 27.91 8.84
N ILE B 114 9.24 28.96 8.17
CA ILE B 114 8.75 30.16 8.89
C ILE B 114 7.65 29.80 9.88
N LYS B 115 6.72 28.95 9.47
CA LYS B 115 5.61 28.56 10.34
C LYS B 115 6.10 27.71 11.50
N GLY B 116 7.09 26.83 11.24
CA GLY B 116 7.72 26.03 12.30
C GLY B 116 8.41 26.91 13.34
N LEU B 117 9.20 27.85 12.86
CA LEU B 117 9.92 28.77 13.73
C LEU B 117 8.95 29.62 14.54
N THR B 118 7.90 30.11 13.89
CA THR B 118 6.82 30.86 14.55
C THR B 118 6.17 30.02 15.66
N TYR B 119 5.81 28.78 15.34
CA TYR B 119 5.25 27.86 16.33
C TYR B 119 6.16 27.67 17.56
N LEU B 120 7.42 27.34 17.32
CA LEU B 120 8.38 27.11 18.39
C LEU B 120 8.58 28.35 19.28
N ARG B 121 8.68 29.50 18.64
CA ARG B 121 8.82 30.78 19.34
C ARG B 121 7.56 31.10 20.17
N GLU B 122 6.40 31.12 19.52
CA GLU B 122 5.18 31.56 20.18
C GLU B 122 4.64 30.58 21.21
N LYS B 123 4.63 29.29 20.91
CA LYS B 123 4.05 28.32 21.83
C LYS B 123 5.03 27.81 22.87
N HIS B 124 6.33 27.81 22.56
CA HIS B 124 7.33 27.21 23.44
C HIS B 124 8.49 28.11 23.82
N LYS B 125 8.56 29.31 23.26
CA LYS B 125 9.69 30.24 23.52
C LYS B 125 11.05 29.59 23.22
N ILE B 126 11.06 28.80 22.15
CA ILE B 126 12.19 28.02 21.72
C ILE B 126 12.67 28.65 20.41
N MET B 127 13.94 29.01 20.36
CA MET B 127 14.59 29.25 19.08
C MET B 127 15.08 27.91 18.54
N HIS B 128 15.21 27.80 17.21
CA HIS B 128 15.63 26.53 16.62
C HIS B 128 17.09 26.24 16.87
N ARG B 129 17.95 27.17 16.43
CA ARG B 129 19.41 27.13 16.61
C ARG B 129 20.17 26.18 15.68
N ASP B 130 19.47 25.43 14.84
CA ASP B 130 20.18 24.52 13.92
C ASP B 130 19.40 24.31 12.61
N VAL B 131 18.97 25.41 12.00
CA VAL B 131 18.27 25.33 10.73
C VAL B 131 19.26 25.03 9.62
N LYS B 132 18.98 23.98 8.86
CA LYS B 132 19.85 23.58 7.76
C LYS B 132 19.15 22.44 6.99
N PRO B 133 19.59 22.17 5.76
CA PRO B 133 18.88 21.17 4.98
C PRO B 133 18.78 19.80 5.64
N SER B 134 19.79 19.37 6.40
CA SER B 134 19.72 18.06 7.07
C SER B 134 18.70 18.00 8.23
N ASN B 135 18.20 19.17 8.63
CA ASN B 135 17.23 19.31 9.72
C ASN B 135 15.82 19.69 9.27
N ILE B 136 15.60 19.64 7.96
CA ILE B 136 14.28 19.88 7.40
C ILE B 136 13.88 18.58 6.69
N LEU B 137 12.89 17.89 7.24
CA LEU B 137 12.51 16.57 6.74
C LEU B 137 11.20 16.65 5.98
N VAL B 138 11.05 15.74 5.03
CA VAL B 138 9.90 15.72 4.14
C VAL B 138 9.32 14.31 4.05
N ASN B 139 8.07 14.20 3.61
CA ASN B 139 7.46 12.89 3.37
C ASN B 139 6.60 12.82 2.13
N SER B 140 6.13 11.60 1.83
CA SER B 140 5.38 11.30 0.61
C SER B 140 4.00 11.92 0.62
N ARG B 141 3.54 12.34 1.80
CA ARG B 141 2.31 13.13 1.87
C ARG B 141 2.55 14.61 1.54
N GLY B 142 3.80 14.98 1.27
CA GLY B 142 4.13 16.36 0.90
C GLY B 142 4.37 17.29 2.08
N GLU B 143 4.55 16.72 3.27
CA GLU B 143 4.77 17.53 4.47
C GLU B 143 6.23 17.91 4.63
N ILE B 144 6.46 19.09 5.19
CA ILE B 144 7.79 19.64 5.40
C ILE B 144 7.83 20.05 6.88
N LYS B 145 8.83 19.55 7.60
CA LYS B 145 8.84 19.66 9.07
C LYS B 145 10.26 19.86 9.60
N LEU B 146 10.35 20.60 10.70
CA LEU B 146 11.64 20.89 11.31
C LEU B 146 11.94 19.88 12.39
N CYS B 147 13.21 19.53 12.51
CA CYS B 147 13.67 18.68 13.60
C CYS B 147 14.94 19.26 14.20
N ASP B 148 15.43 18.63 15.28
CA ASP B 148 16.73 18.94 15.89
C ASP B 148 16.83 20.40 16.36
N PHE B 149 15.73 20.94 16.86
CA PHE B 149 15.71 22.28 17.42
C PHE B 149 16.09 22.18 18.91
N GLY B 150 16.42 23.32 19.51
CA GLY B 150 17.11 23.30 20.80
C GLY B 150 16.17 23.38 21.98
N VAL B 151 15.51 22.27 22.29
CA VAL B 151 14.66 22.18 23.48
C VAL B 151 15.45 22.04 24.78
N SER B 152 16.67 21.53 24.67
CA SER B 152 17.47 21.20 25.86
C SER B 152 18.76 22.01 25.86
N GLY B 153 18.82 23.02 26.71
CA GLY B 153 20.04 23.83 26.89
C GLY B 153 21.22 22.93 27.20
N GLN B 154 20.98 21.91 28.02
CA GLN B 154 22.07 21.01 28.41
C GLN B 154 22.59 20.13 27.26
N LEU B 155 21.70 19.66 26.39
CA LEU B 155 22.17 18.93 25.20
C LEU B 155 22.93 19.82 24.23
N ILE B 156 22.47 21.07 24.04
CA ILE B 156 23.20 22.05 23.22
C ILE B 156 24.60 22.29 23.78
N ASP B 157 24.70 22.52 25.09
CA ASP B 157 26.00 22.79 25.69
C ASP B 157 26.95 21.60 25.57
N SER B 158 26.41 20.38 25.74
CA SER B 158 27.22 19.15 25.77
C SER B 158 27.79 18.79 24.40
N MET B 159 27.13 19.24 23.34
CA MET B 159 27.53 18.84 22.00
C MET B 159 28.42 19.86 21.30
N ALA B 160 28.41 21.10 21.78
CA ALA B 160 29.31 22.14 21.28
C ALA B 160 29.47 22.05 19.76
N ASN B 161 28.35 22.05 19.04
CA ASN B 161 28.37 21.80 17.59
C ASN B 161 28.91 22.97 16.74
N SER B 162 29.12 24.12 17.39
CA SER B 162 29.71 25.29 16.73
C SER B 162 30.96 24.95 15.93
N PHE B 163 31.71 23.94 16.39
CA PHE B 163 33.02 23.63 15.84
C PHE B 163 33.08 22.30 15.08
N VAL B 164 31.94 21.62 14.93
CA VAL B 164 31.95 20.31 14.29
C VAL B 164 31.28 20.34 12.93
N GLY B 165 31.77 19.50 12.02
CA GLY B 165 31.18 19.33 10.70
C GLY B 165 31.89 20.15 9.65
N THR B 166 31.56 19.87 8.39
CA THR B 166 32.20 20.49 7.24
C THR B 166 31.54 21.83 6.90
N ARG B 167 30.23 21.92 7.13
CA ARG B 167 29.44 23.09 6.78
C ARG B 167 28.99 23.83 8.03
N SER B 168 28.92 25.16 7.96
CA SER B 168 28.40 25.95 9.07
C SER B 168 27.26 26.83 8.59
N TYR B 169 26.21 26.92 9.40
CA TYR B 169 25.07 27.81 9.09
C TYR B 169 24.92 28.89 10.17
N MET B 170 25.98 29.09 10.95
CA MET B 170 25.93 30.09 12.04
C MET B 170 25.97 31.49 11.44
N SER B 171 25.28 32.42 12.09
CA SER B 171 25.21 33.80 11.65
C SER B 171 26.48 34.60 11.96
N PRO B 172 26.80 35.62 11.12
CA PRO B 172 27.98 36.41 11.43
C PRO B 172 27.96 37.01 12.86
N GLU B 173 26.80 37.45 13.32
CA GLU B 173 26.70 38.09 14.64
C GLU B 173 26.94 37.13 15.83
N ARG B 174 26.49 35.87 15.69
CA ARG B 174 26.73 34.85 16.71
C ARG B 174 28.23 34.53 16.79
N LEU B 175 28.86 34.57 15.62
CA LEU B 175 30.31 34.44 15.52
C LEU B 175 31.11 35.67 16.00
N GLN B 176 30.42 36.71 16.46
CA GLN B 176 31.09 37.89 17.02
C GLN B 176 30.56 38.22 18.42
N GLY B 177 30.04 37.20 19.11
CA GLY B 177 29.61 37.34 20.51
C GLY B 177 28.29 38.06 20.73
N THR B 178 27.33 37.87 19.83
CA THR B 178 25.97 38.35 20.04
C THR B 178 25.14 37.20 20.62
N HIS B 179 24.10 37.55 21.39
CA HIS B 179 23.14 36.59 21.89
C HIS B 179 22.40 35.99 20.71
N TYR B 180 21.85 34.80 20.91
CA TYR B 180 21.08 34.11 19.88
C TYR B 180 19.70 34.75 19.77
N SER B 181 19.28 35.11 18.56
CA SER B 181 17.93 35.61 18.37
C SER B 181 17.28 34.93 17.17
N VAL B 182 16.00 35.22 16.94
CA VAL B 182 15.31 34.69 15.75
C VAL B 182 16.06 35.05 14.44
N GLN B 183 16.74 36.21 14.44
CA GLN B 183 17.57 36.67 13.32
C GLN B 183 18.63 35.65 12.93
N SER B 184 19.20 34.96 13.92
CA SER B 184 20.19 33.95 13.59
C SER B 184 19.57 32.76 12.85
N ASP B 185 18.37 32.35 13.27
CA ASP B 185 17.60 31.30 12.59
C ASP B 185 17.26 31.69 11.15
N ILE B 186 16.91 32.96 10.93
CA ILE B 186 16.60 33.48 9.60
C ILE B 186 17.82 33.41 8.68
N TRP B 187 18.97 33.85 9.19
CA TRP B 187 20.23 33.73 8.47
C TRP B 187 20.47 32.29 8.03
N SER B 188 20.33 31.36 8.96
CA SER B 188 20.50 29.93 8.64
C SER B 188 19.56 29.47 7.53
N MET B 189 18.31 29.92 7.59
CA MET B 189 17.32 29.62 6.55
C MET B 189 17.76 30.19 5.20
N GLY B 190 18.19 31.45 5.22
CA GLY B 190 18.71 32.09 4.00
C GLY B 190 19.83 31.28 3.38
N LEU B 191 20.79 30.89 4.19
CA LEU B 191 21.94 30.14 3.70
C LEU B 191 21.52 28.81 3.11
N SER B 192 20.58 28.15 3.79
CA SER B 192 20.05 26.84 3.37
C SER B 192 19.35 26.95 2.02
N LEU B 193 18.58 28.02 1.84
CA LEU B 193 17.86 28.27 0.59
C LEU B 193 18.82 28.39 -0.59
N VAL B 194 19.90 29.17 -0.42
CA VAL B 194 20.92 29.29 -1.45
C VAL B 194 21.55 27.94 -1.76
N GLU B 195 21.95 27.22 -0.71
CA GLU B 195 22.50 25.87 -0.87
C GLU B 195 21.58 24.99 -1.70
N MET B 196 20.29 25.03 -1.38
CA MET B 196 19.33 24.13 -2.02
C MET B 196 18.98 24.57 -3.44
N ALA B 197 18.95 25.88 -3.67
CA ALA B 197 18.71 26.44 -5.01
C ALA B 197 19.85 26.15 -5.99
N VAL B 198 21.08 26.18 -5.50
CA VAL B 198 22.28 26.00 -6.31
C VAL B 198 22.71 24.53 -6.37
N GLY B 199 22.49 23.80 -5.28
CA GLY B 199 22.86 22.39 -5.19
C GLY B 199 24.27 22.21 -4.67
N ARG B 200 24.74 23.23 -3.96
CA ARG B 200 26.12 23.29 -3.47
C ARG B 200 26.14 24.25 -2.28
N TYR B 201 26.78 23.84 -1.20
CA TYR B 201 27.00 24.75 -0.07
C TYR B 201 27.75 25.99 -0.60
N PRO B 202 27.22 27.20 -0.32
CA PRO B 202 27.67 28.40 -1.06
C PRO B 202 28.93 29.12 -0.54
N ILE B 203 29.66 28.50 0.38
CA ILE B 203 30.93 29.07 0.86
C ILE B 203 32.06 28.07 0.68
N PRO B 204 33.06 28.39 -0.17
CA PRO B 204 33.16 29.63 -0.95
C PRO B 204 32.27 29.58 -2.19
N PRO B 205 31.98 30.74 -2.82
CA PRO B 205 31.06 30.78 -3.95
C PRO B 205 31.64 30.03 -5.14
N PRO B 206 30.78 29.42 -5.98
CA PRO B 206 31.25 28.70 -7.18
C PRO B 206 31.89 29.66 -8.18
N ASP B 207 32.78 29.17 -9.03
CA ASP B 207 33.33 30.05 -10.07
C ASP B 207 32.30 30.23 -11.18
N ALA B 208 32.47 31.29 -11.97
CA ALA B 208 31.51 31.66 -13.02
C ALA B 208 31.25 30.53 -14.01
N LYS B 209 32.30 29.90 -14.50
CA LYS B 209 32.15 28.83 -15.49
C LYS B 209 31.39 27.60 -14.99
N GLU B 210 31.61 27.24 -13.73
CA GLU B 210 30.82 26.17 -13.09
C GLU B 210 29.35 26.55 -13.06
N LEU B 211 29.05 27.79 -12.69
CA LEU B 211 27.68 28.30 -12.69
C LEU B 211 27.06 28.29 -14.08
N GLU B 212 27.85 28.66 -15.09
CA GLU B 212 27.34 28.70 -16.46
C GLU B 212 27.02 27.31 -16.97
N LEU B 213 27.80 26.31 -16.57
CA LEU B 213 27.53 24.92 -16.92
C LEU B 213 26.34 24.37 -16.13
N MET B 214 26.24 24.75 -14.85
CA MET B 214 25.08 24.38 -14.00
C MET B 214 23.75 24.95 -14.52
N PHE B 215 23.76 26.21 -14.94
CA PHE B 215 22.53 26.94 -15.25
C PHE B 215 22.40 27.36 -16.70
N MET B 248 37.83 23.73 2.76
CA MET B 248 38.00 24.78 3.74
C MET B 248 37.71 24.22 5.13
N ALA B 249 38.66 24.29 6.04
CA ALA B 249 38.49 23.80 7.40
C ALA B 249 37.55 24.70 8.19
N ILE B 250 37.01 24.17 9.27
CA ILE B 250 35.94 24.83 10.01
C ILE B 250 36.26 26.26 10.47
N PHE B 251 37.48 26.50 10.97
CA PHE B 251 37.79 27.82 11.52
C PHE B 251 37.97 28.88 10.43
N GLU B 252 38.57 28.49 9.31
CA GLU B 252 38.63 29.34 8.10
C GLU B 252 37.22 29.68 7.61
N LEU B 253 36.36 28.66 7.63
CA LEU B 253 34.97 28.82 7.27
C LEU B 253 34.23 29.83 8.16
N LEU B 254 34.43 29.71 9.47
CA LEU B 254 33.84 30.68 10.40
C LEU B 254 34.39 32.08 10.13
N ASP B 255 35.70 32.16 9.90
CA ASP B 255 36.34 33.43 9.57
C ASP B 255 35.73 34.04 8.30
N TYR B 256 35.52 33.18 7.30
CA TYR B 256 34.90 33.58 6.05
C TYR B 256 33.51 34.20 6.28
N ILE B 257 32.69 33.52 7.08
CA ILE B 257 31.35 34.02 7.42
C ILE B 257 31.35 35.40 8.08
N VAL B 258 32.32 35.64 8.96
CA VAL B 258 32.37 36.93 9.65
C VAL B 258 32.86 38.04 8.71
N ASN B 259 33.82 37.70 7.86
CA ASN B 259 34.58 38.74 7.15
C ASN B 259 34.26 38.96 5.67
N GLU B 260 33.67 37.95 5.03
CA GLU B 260 33.34 38.03 3.61
C GLU B 260 31.88 38.42 3.37
N PRO B 261 31.54 38.84 2.13
CA PRO B 261 30.13 39.19 1.91
C PRO B 261 29.22 37.93 1.96
N PRO B 262 27.94 38.12 2.26
CA PRO B 262 26.99 36.99 2.33
C PRO B 262 26.85 36.27 0.99
N PRO B 263 26.40 35.01 1.00
CA PRO B 263 26.06 34.36 -0.28
C PRO B 263 24.85 35.01 -0.95
N LYS B 264 24.65 34.72 -2.22
CA LYS B 264 23.47 35.19 -2.95
C LYS B 264 23.11 34.18 -4.02
N LEU B 265 21.91 34.31 -4.59
CA LEU B 265 21.50 33.44 -5.69
C LEU B 265 22.27 33.79 -6.96
N PRO B 266 22.46 32.79 -7.86
CA PRO B 266 22.94 33.09 -9.22
C PRO B 266 21.95 34.07 -9.87
N SER B 267 22.43 34.85 -10.85
CA SER B 267 21.61 35.88 -11.52
C SER B 267 20.94 35.36 -12.78
N GLY B 268 19.76 35.90 -13.10
CA GLY B 268 19.06 35.60 -14.36
C GLY B 268 18.28 34.30 -14.39
N VAL B 269 18.19 33.61 -13.26
CA VAL B 269 17.51 32.31 -13.21
C VAL B 269 16.33 32.25 -12.24
N PHE B 270 16.37 33.05 -11.18
CA PHE B 270 15.32 33.04 -10.16
C PHE B 270 14.59 34.35 -10.17
N SER B 271 13.35 34.32 -9.71
CA SER B 271 12.49 35.50 -9.75
C SER B 271 13.06 36.59 -8.86
N LEU B 272 12.71 37.84 -9.17
CA LEU B 272 13.12 38.97 -8.36
C LEU B 272 12.64 38.82 -6.90
N GLU B 273 11.45 38.24 -6.70
CA GLU B 273 10.88 38.07 -5.37
C GLU B 273 11.69 37.08 -4.52
N PHE B 274 12.13 35.97 -5.13
CA PHE B 274 12.96 34.98 -4.44
C PHE B 274 14.33 35.55 -4.09
N GLN B 275 14.91 36.28 -5.03
CA GLN B 275 16.18 36.93 -4.78
C GLN B 275 16.07 37.95 -3.65
N ASP B 276 14.99 38.72 -3.65
CA ASP B 276 14.80 39.71 -2.58
C ASP B 276 14.61 39.05 -1.22
N PHE B 277 13.86 37.94 -1.21
CA PHE B 277 13.59 37.18 0.03
C PHE B 277 14.91 36.67 0.63
N VAL B 278 15.73 36.03 -0.20
CA VAL B 278 16.99 35.44 0.24
C VAL B 278 17.98 36.51 0.69
N ASN B 279 18.05 37.60 -0.06
CA ASN B 279 18.89 38.75 0.30
C ASN B 279 18.51 39.39 1.62
N LYS B 280 17.21 39.50 1.89
CA LYS B 280 16.75 40.03 3.19
C LYS B 280 17.07 39.10 4.38
N CYS B 281 17.17 37.80 4.13
CA CYS B 281 17.58 36.83 5.17
C CYS B 281 19.08 36.89 5.46
N LEU B 282 19.84 37.35 4.48
CA LEU B 282 21.30 37.18 4.50
C LEU B 282 22.08 38.46 4.76
N ILE B 283 21.36 39.54 5.08
CA ILE B 283 22.01 40.78 5.50
C ILE B 283 22.82 40.53 6.77
N LYS B 284 24.12 40.82 6.70
CA LYS B 284 25.06 40.48 7.78
C LYS B 284 24.78 41.16 9.12
N ASN B 285 24.39 42.43 9.07
CA ASN B 285 23.93 43.17 10.25
C ASN B 285 22.52 42.71 10.64
N PRO B 286 22.38 42.08 11.83
CA PRO B 286 21.10 41.51 12.27
C PRO B 286 19.97 42.53 12.42
N ALA B 287 20.33 43.76 12.75
CA ALA B 287 19.36 44.85 12.89
C ALA B 287 18.71 45.20 11.54
N GLU B 288 19.40 44.95 10.43
CA GLU B 288 18.85 45.25 9.10
C GLU B 288 18.29 44.02 8.35
N ARG B 289 18.57 42.83 8.86
CA ARG B 289 18.03 41.58 8.34
C ARG B 289 16.55 41.53 8.64
N ALA B 290 15.75 40.94 7.74
CA ALA B 290 14.31 40.83 8.02
C ALA B 290 14.00 40.00 9.28
N ASP B 291 12.86 40.27 9.90
CA ASP B 291 12.36 39.41 10.97
C ASP B 291 11.27 38.49 10.43
N LEU B 292 10.76 37.60 11.28
CA LEU B 292 9.75 36.60 10.89
C LEU B 292 8.44 37.21 10.41
N LYS B 293 7.98 38.23 11.13
CA LYS B 293 6.78 38.97 10.76
C LYS B 293 6.89 39.56 9.34
N GLN B 294 8.02 40.21 9.04
CA GLN B 294 8.25 40.78 7.70
C GLN B 294 8.33 39.67 6.64
N LEU B 295 9.03 38.60 6.97
CA LEU B 295 9.19 37.49 6.01
C LEU B 295 7.86 36.82 5.68
N MET B 296 6.97 36.73 6.68
CA MET B 296 5.69 36.04 6.49
C MET B 296 4.75 36.78 5.51
N VAL B 297 5.00 38.06 5.29
CA VAL B 297 4.20 38.85 4.36
C VAL B 297 4.99 39.31 3.12
N HIS B 298 6.19 38.75 2.93
CA HIS B 298 7.02 39.07 1.77
C HIS B 298 6.34 38.56 0.51
N ALA B 299 6.59 39.28 -0.58
CA ALA B 299 6.01 38.94 -1.88
C ALA B 299 6.27 37.47 -2.28
N PHE B 300 7.47 36.97 -1.98
CA PHE B 300 7.82 35.60 -2.31
C PHE B 300 6.93 34.60 -1.59
N ILE B 301 6.70 34.86 -0.30
CA ILE B 301 5.88 34.00 0.54
C ILE B 301 4.40 34.10 0.16
N LYS B 302 3.89 35.31 0.01
CA LYS B 302 2.50 35.49 -0.44
C LYS B 302 2.24 34.76 -1.75
N ARG B 303 3.18 34.88 -2.70
CA ARG B 303 3.03 34.19 -3.97
C ARG B 303 3.09 32.67 -3.81
N SER B 304 4.09 32.17 -3.08
CA SER B 304 4.28 30.72 -2.93
C SER B 304 3.08 30.08 -2.23
N ASP B 305 2.47 30.79 -1.29
CA ASP B 305 1.37 30.23 -0.53
C ASP B 305 0.18 29.97 -1.43
N ALA B 306 -0.01 30.85 -2.41
CA ALA B 306 -1.12 30.77 -3.34
C ALA B 306 -0.92 29.77 -4.47
N GLU B 307 0.31 29.31 -4.66
CA GLU B 307 0.66 28.41 -5.79
C GLU B 307 0.30 26.96 -5.55
N GLU B 308 -0.27 26.34 -6.58
CA GLU B 308 -0.56 24.92 -6.54
C GLU B 308 0.67 24.18 -7.03
N VAL B 309 1.44 23.66 -6.08
CA VAL B 309 2.64 22.90 -6.38
C VAL B 309 2.45 21.49 -5.88
N ASP B 310 2.61 20.53 -6.79
CA ASP B 310 2.48 19.13 -6.46
C ASP B 310 3.80 18.67 -5.86
N PHE B 311 4.06 19.11 -4.62
CA PHE B 311 5.34 18.78 -3.99
C PHE B 311 5.52 17.27 -3.80
N ALA B 312 4.50 16.62 -3.26
CA ALA B 312 4.53 15.18 -3.01
C ALA B 312 4.89 14.37 -4.28
N GLY B 313 4.21 14.68 -5.39
CA GLY B 313 4.50 14.05 -6.68
C GLY B 313 5.90 14.34 -7.19
N TRP B 314 6.35 15.58 -7.00
CA TRP B 314 7.72 15.93 -7.37
C TRP B 314 8.74 15.18 -6.52
N LEU B 315 8.44 15.06 -5.23
CA LEU B 315 9.36 14.39 -4.30
C LEU B 315 9.44 12.89 -4.55
N CYS B 316 8.29 12.24 -4.69
CA CYS B 316 8.20 10.81 -4.95
C CYS B 316 8.87 10.43 -6.27
N SER B 317 8.64 11.24 -7.31
CA SER B 317 9.31 11.08 -8.60
C SER B 317 10.81 11.33 -8.52
N THR B 318 11.21 12.35 -7.75
CA THR B 318 12.62 12.73 -7.63
C THR B 318 13.48 11.68 -6.92
N ILE B 319 13.01 11.18 -5.79
CA ILE B 319 13.82 10.24 -5.01
C ILE B 319 13.37 8.79 -5.22
N GLY B 320 12.46 8.60 -6.17
CA GLY B 320 11.89 7.29 -6.48
C GLY B 320 11.17 6.68 -5.29
N LEU B 321 10.18 7.40 -4.75
CA LEU B 321 9.49 6.96 -3.53
C LEU B 321 8.02 6.61 -3.78
N ASN B 322 7.46 5.84 -2.84
CA ASN B 322 6.04 5.44 -2.86
C ASN B 322 5.10 6.58 -2.51
N MET C 1 22.36 -24.95 -21.56
CA MET C 1 23.03 -26.28 -21.65
C MET C 1 23.42 -26.60 -23.09
N GLU C 2 24.28 -27.61 -23.26
CA GLU C 2 24.62 -28.10 -24.59
C GLU C 2 23.57 -29.14 -25.03
N LEU C 3 22.75 -28.77 -26.00
CA LEU C 3 21.68 -29.65 -26.43
C LEU C 3 21.84 -30.12 -27.88
N LYS C 4 21.64 -31.40 -28.09
CA LYS C 4 21.60 -31.96 -29.44
C LYS C 4 20.48 -33.00 -29.54
N ASP C 5 20.00 -33.23 -30.76
CA ASP C 5 18.87 -34.12 -30.99
C ASP C 5 19.04 -35.48 -30.32
N ASP C 6 20.29 -35.94 -30.25
CA ASP C 6 20.62 -37.28 -29.76
C ASP C 6 20.35 -37.46 -28.26
N ASP C 7 20.27 -36.34 -27.54
CA ASP C 7 20.05 -36.34 -26.09
C ASP C 7 18.63 -36.69 -25.66
N PHE C 8 17.68 -36.59 -26.59
CA PHE C 8 16.27 -36.61 -26.23
C PHE C 8 15.52 -37.90 -26.50
N GLU C 9 14.60 -38.23 -25.59
CA GLU C 9 13.58 -39.24 -25.83
C GLU C 9 12.22 -38.56 -25.75
N LYS C 10 11.41 -38.77 -26.78
CA LYS C 10 10.05 -38.26 -26.79
C LYS C 10 9.23 -38.99 -25.75
N ILE C 11 8.45 -38.24 -24.99
CA ILE C 11 7.50 -38.82 -24.07
C ILE C 11 6.10 -38.72 -24.69
N SER C 12 5.73 -37.54 -25.17
CA SER C 12 4.46 -37.35 -25.88
C SER C 12 4.41 -36.07 -26.71
N GLU C 13 3.45 -35.99 -27.62
CA GLU C 13 3.22 -34.77 -28.38
C GLU C 13 2.30 -33.88 -27.54
N LEU C 14 2.70 -32.63 -27.32
CA LEU C 14 1.93 -31.71 -26.50
C LEU C 14 0.90 -30.95 -27.35
N GLY C 15 1.23 -30.74 -28.62
CA GLY C 15 0.30 -30.15 -29.57
C GLY C 15 1.04 -29.54 -30.75
N ALA C 16 0.28 -29.03 -31.71
CA ALA C 16 0.86 -28.39 -32.88
C ALA C 16 0.21 -27.05 -33.14
N GLY C 17 1.02 -26.03 -33.39
CA GLY C 17 0.50 -24.74 -33.85
C GLY C 17 0.39 -24.75 -35.37
N ASN C 18 0.40 -23.57 -35.98
CA ASN C 18 0.34 -23.46 -37.44
C ASN C 18 1.66 -23.79 -38.10
N GLY C 19 2.77 -23.43 -37.47
CA GLY C 19 4.09 -23.62 -38.07
C GLY C 19 5.10 -24.32 -37.18
N GLY C 20 4.62 -25.07 -36.20
CA GLY C 20 5.50 -25.82 -35.30
C GLY C 20 4.80 -26.92 -34.51
N VAL C 21 5.60 -27.83 -33.97
CA VAL C 21 5.13 -28.93 -33.12
C VAL C 21 5.93 -28.98 -31.81
N VAL C 22 5.27 -29.35 -30.72
CA VAL C 22 5.89 -29.36 -29.40
C VAL C 22 5.73 -30.72 -28.72
N PHE C 23 6.86 -31.27 -28.28
CA PHE C 23 6.90 -32.55 -27.58
C PHE C 23 7.37 -32.37 -26.14
N LYS C 24 6.78 -33.14 -25.25
CA LYS C 24 7.32 -33.35 -23.92
C LYS C 24 8.42 -34.38 -24.12
N VAL C 25 9.62 -34.04 -23.67
CA VAL C 25 10.80 -34.88 -23.88
C VAL C 25 11.57 -35.12 -22.58
N SER C 26 12.33 -36.20 -22.56
CA SER C 26 13.27 -36.44 -21.48
C SER C 26 14.66 -36.14 -22.05
N HIS C 27 15.36 -35.17 -21.46
CA HIS C 27 16.77 -34.94 -21.77
C HIS C 27 17.59 -35.96 -21.03
N LYS C 28 17.92 -37.06 -21.70
CA LYS C 28 18.63 -38.21 -21.11
C LYS C 28 19.88 -37.94 -20.26
N PRO C 29 20.84 -37.13 -20.75
CA PRO C 29 22.06 -36.92 -19.94
C PRO C 29 21.78 -36.34 -18.55
N SER C 30 20.72 -35.55 -18.41
CA SER C 30 20.47 -34.85 -17.15
C SER C 30 19.27 -35.39 -16.37
N GLY C 31 18.39 -36.13 -17.04
CA GLY C 31 17.14 -36.58 -16.47
C GLY C 31 16.02 -35.55 -16.46
N LEU C 32 16.29 -34.34 -16.96
CA LEU C 32 15.29 -33.28 -16.99
C LEU C 32 14.19 -33.51 -18.04
N VAL C 33 12.94 -33.31 -17.63
CA VAL C 33 11.81 -33.30 -18.55
C VAL C 33 11.69 -31.88 -19.10
N MET C 34 11.58 -31.77 -20.44
CA MET C 34 11.47 -30.47 -21.13
C MET C 34 10.34 -30.49 -22.14
N ALA C 35 9.96 -29.30 -22.61
CA ALA C 35 9.14 -29.18 -23.80
C ALA C 35 10.08 -28.76 -24.92
N ARG C 36 10.00 -29.48 -26.03
CA ARG C 36 10.86 -29.21 -27.18
C ARG C 36 9.99 -28.77 -28.35
N LYS C 37 10.13 -27.52 -28.78
CA LYS C 37 9.36 -27.00 -29.92
C LYS C 37 10.20 -27.08 -31.17
N LEU C 38 9.64 -27.68 -32.22
CA LEU C 38 10.32 -27.77 -33.50
C LEU C 38 9.66 -26.87 -34.51
N ILE C 39 10.46 -26.00 -35.12
CA ILE C 39 9.98 -25.03 -36.09
C ILE C 39 10.69 -25.34 -37.40
N HIS C 40 9.91 -25.64 -38.42
CA HIS C 40 10.48 -25.95 -39.71
C HIS C 40 10.52 -24.72 -40.56
N LEU C 41 11.72 -24.27 -40.91
CA LEU C 41 11.88 -23.13 -41.80
C LEU C 41 12.86 -23.42 -42.92
N GLU C 42 12.55 -22.94 -44.11
CA GLU C 42 13.41 -23.11 -45.28
C GLU C 42 14.12 -21.80 -45.61
N ILE C 43 14.75 -21.22 -44.59
CA ILE C 43 15.48 -19.97 -44.69
C ILE C 43 16.98 -20.24 -44.88
N LYS C 44 17.72 -19.22 -45.30
CA LYS C 44 19.18 -19.32 -45.43
C LYS C 44 19.86 -19.61 -44.09
N PRO C 45 20.96 -20.40 -44.10
CA PRO C 45 21.77 -20.64 -42.90
C PRO C 45 22.17 -19.37 -42.12
N ALA C 46 22.51 -18.29 -42.83
CA ALA C 46 22.86 -17.03 -42.17
C ALA C 46 21.73 -16.47 -41.29
N ILE C 47 20.48 -16.63 -41.75
CA ILE C 47 19.33 -16.12 -41.03
C ILE C 47 19.02 -17.05 -39.86
N ARG C 48 19.13 -18.34 -40.14
CA ARG C 48 18.94 -19.38 -39.16
C ARG C 48 19.91 -19.26 -37.98
N ASN C 49 21.19 -19.04 -38.28
CA ASN C 49 22.19 -18.84 -37.22
C ASN C 49 21.96 -17.55 -36.45
N GLN C 50 21.44 -16.53 -37.12
CA GLN C 50 21.08 -15.30 -36.43
C GLN C 50 19.95 -15.53 -35.43
N ILE C 51 18.96 -16.32 -35.81
CA ILE C 51 17.86 -16.70 -34.91
C ILE C 51 18.39 -17.40 -33.66
N ILE C 52 19.25 -18.39 -33.85
CA ILE C 52 19.82 -19.12 -32.70
C ILE C 52 20.58 -18.17 -31.76
N ARG C 53 21.38 -17.27 -32.34
CA ARG C 53 22.09 -16.25 -31.57
C ARG C 53 21.11 -15.31 -30.83
N GLU C 54 20.06 -14.84 -31.50
CA GLU C 54 19.06 -13.97 -30.85
C GLU C 54 18.32 -14.68 -29.72
N LEU C 55 18.01 -15.96 -29.92
CA LEU C 55 17.32 -16.77 -28.91
C LEU C 55 18.11 -16.91 -27.59
N GLN C 56 19.42 -16.71 -27.66
CA GLN C 56 20.32 -16.85 -26.50
C GLN C 56 19.98 -15.88 -25.38
N VAL C 57 19.41 -14.74 -25.74
CA VAL C 57 18.91 -13.75 -24.81
C VAL C 57 17.93 -14.35 -23.79
N LEU C 58 17.28 -15.45 -24.15
CA LEU C 58 16.29 -16.10 -23.28
C LEU C 58 16.88 -16.65 -21.99
N HIS C 59 18.17 -16.93 -22.03
CA HIS C 59 18.93 -17.34 -20.84
C HIS C 59 18.91 -16.29 -19.75
N GLU C 60 18.77 -15.03 -20.16
CA GLU C 60 18.70 -13.90 -19.22
C GLU C 60 17.27 -13.55 -18.85
N CYS C 61 16.29 -14.22 -19.45
CA CYS C 61 14.86 -13.93 -19.19
C CYS C 61 14.37 -14.79 -18.05
N ASN C 62 14.47 -14.25 -16.84
CA ASN C 62 14.24 -15.00 -15.62
C ASN C 62 13.21 -14.31 -14.72
N SER C 63 12.02 -14.87 -14.70
CA SER C 63 10.87 -14.27 -14.02
C SER C 63 9.89 -15.37 -13.67
N PRO C 64 9.16 -15.23 -12.54
CA PRO C 64 8.12 -16.20 -12.20
C PRO C 64 6.99 -16.24 -13.23
N TYR C 65 6.95 -15.25 -14.12
CA TYR C 65 5.84 -15.07 -15.05
C TYR C 65 6.24 -15.38 -16.49
N ILE C 66 7.42 -15.95 -16.65
CA ILE C 66 8.02 -16.20 -17.96
C ILE C 66 8.50 -17.63 -17.98
N VAL C 67 8.06 -18.36 -19.00
CA VAL C 67 8.56 -19.71 -19.23
C VAL C 67 10.08 -19.75 -19.42
N GLY C 68 10.71 -20.63 -18.64
CA GLY C 68 12.14 -20.89 -18.70
C GLY C 68 12.62 -21.49 -20.00
N PHE C 69 13.85 -21.15 -20.36
CA PHE C 69 14.50 -21.59 -21.59
C PHE C 69 15.73 -22.41 -21.21
N TYR C 70 16.01 -23.48 -21.97
CA TYR C 70 17.23 -24.27 -21.78
C TYR C 70 18.25 -24.16 -22.90
N GLY C 71 17.77 -24.05 -24.14
CA GLY C 71 18.69 -24.02 -25.27
C GLY C 71 17.95 -24.10 -26.59
N ALA C 72 18.62 -23.68 -27.64
CA ALA C 72 18.07 -23.74 -28.99
C ALA C 72 19.16 -24.24 -29.92
N PHE C 73 18.79 -25.07 -30.88
CA PHE C 73 19.76 -25.53 -31.87
C PHE C 73 19.07 -25.84 -33.20
N TYR C 74 19.88 -26.06 -34.23
CA TYR C 74 19.37 -26.49 -35.52
C TYR C 74 19.69 -27.97 -35.77
N SER C 75 18.68 -28.72 -36.14
CA SER C 75 18.86 -30.14 -36.48
C SER C 75 17.96 -30.48 -37.65
N ASP C 76 18.58 -31.09 -38.67
CA ASP C 76 17.98 -31.40 -39.98
C ASP C 76 16.67 -30.69 -40.35
N GLY C 77 16.80 -29.45 -40.79
CA GLY C 77 15.69 -28.68 -41.33
C GLY C 77 14.88 -27.93 -40.29
N GLU C 78 15.17 -28.17 -39.02
CA GLU C 78 14.33 -27.65 -37.94
C GLU C 78 15.08 -26.96 -36.81
N ILE C 79 14.58 -25.79 -36.43
CA ILE C 79 15.02 -25.12 -35.24
C ILE C 79 14.35 -25.79 -34.04
N SER C 80 15.15 -26.27 -33.08
CA SER C 80 14.62 -26.76 -31.80
C SER C 80 14.72 -25.68 -30.73
N ILE C 81 13.61 -25.40 -30.05
CA ILE C 81 13.63 -24.51 -28.88
C ILE C 81 13.21 -25.33 -27.67
N CYS C 82 14.16 -25.54 -26.76
CA CYS C 82 13.86 -26.34 -25.56
C CYS C 82 13.59 -25.45 -24.37
N MET C 83 12.45 -25.69 -23.74
CA MET C 83 11.98 -24.82 -22.65
C MET C 83 11.38 -25.58 -21.48
N GLU C 84 11.13 -24.84 -20.40
CA GLU C 84 10.47 -25.37 -19.23
C GLU C 84 9.17 -26.04 -19.65
N HIS C 85 8.99 -27.28 -19.22
CA HIS C 85 7.75 -28.02 -19.48
C HIS C 85 6.70 -27.51 -18.53
N MET C 86 5.55 -27.11 -19.07
CA MET C 86 4.44 -26.65 -18.24
C MET C 86 3.34 -27.69 -18.26
N ASP C 87 3.22 -28.46 -17.17
CA ASP C 87 2.35 -29.64 -17.16
C ASP C 87 0.86 -29.33 -17.24
N GLY C 88 0.48 -28.07 -17.10
CA GLY C 88 -0.92 -27.68 -17.26
C GLY C 88 -1.28 -27.30 -18.69
N GLY C 89 -0.29 -27.28 -19.58
CA GLY C 89 -0.48 -26.84 -20.96
C GLY C 89 -0.86 -25.36 -21.01
N SER C 90 -1.46 -24.95 -22.12
CA SER C 90 -1.82 -23.55 -22.30
C SER C 90 -3.24 -23.32 -21.82
N LEU C 91 -3.61 -22.05 -21.64
CA LEU C 91 -4.98 -21.73 -21.27
C LEU C 91 -5.98 -22.04 -22.39
N ASP C 92 -5.48 -22.15 -23.62
CA ASP C 92 -6.31 -22.57 -24.74
C ASP C 92 -6.71 -24.03 -24.59
N GLN C 93 -5.76 -24.88 -24.20
CA GLN C 93 -6.08 -26.29 -23.90
C GLN C 93 -6.96 -26.41 -22.65
N VAL C 94 -6.73 -25.54 -21.66
CA VAL C 94 -7.58 -25.53 -20.45
C VAL C 94 -9.00 -25.12 -20.81
N LEU C 95 -9.13 -24.06 -21.62
CA LEU C 95 -10.43 -23.58 -22.07
C LEU C 95 -11.26 -24.69 -22.74
N LYS C 96 -10.61 -25.44 -23.62
CA LYS C 96 -11.25 -26.56 -24.32
C LYS C 96 -11.85 -27.60 -23.35
N LYS C 97 -11.19 -27.83 -22.21
CA LYS C 97 -11.70 -28.77 -21.19
C LYS C 97 -12.65 -28.15 -20.15
N ALA C 98 -12.52 -26.85 -19.90
CA ALA C 98 -13.32 -26.18 -18.87
C ALA C 98 -14.60 -25.55 -19.42
N GLY C 99 -14.61 -25.28 -20.73
CA GLY C 99 -15.73 -24.60 -21.39
C GLY C 99 -15.54 -23.10 -21.30
N ARG C 100 -15.40 -22.60 -20.08
CA ARG C 100 -15.04 -21.21 -19.83
C ARG C 100 -14.29 -21.14 -18.52
N ILE C 101 -13.39 -20.16 -18.41
CA ILE C 101 -12.55 -20.01 -17.22
C ILE C 101 -13.19 -18.95 -16.32
N PRO C 102 -13.44 -19.30 -15.03
CA PRO C 102 -14.15 -18.36 -14.15
C PRO C 102 -13.39 -17.06 -13.91
N GLU C 103 -14.14 -16.00 -13.59
CA GLU C 103 -13.61 -14.64 -13.44
C GLU C 103 -12.45 -14.47 -12.47
N GLN C 104 -12.52 -15.12 -11.31
CA GLN C 104 -11.48 -14.99 -10.28
C GLN C 104 -10.16 -15.55 -10.77
N ILE C 105 -10.21 -16.71 -11.44
CA ILE C 105 -9.01 -17.28 -12.06
C ILE C 105 -8.43 -16.36 -13.13
N LEU C 106 -9.29 -15.72 -13.90
CA LEU C 106 -8.88 -14.78 -14.93
C LEU C 106 -8.28 -13.51 -14.31
N GLY C 107 -8.68 -13.20 -13.09
CA GLY C 107 -8.01 -12.16 -12.31
C GLY C 107 -6.56 -12.52 -12.01
N LYS C 108 -6.32 -13.76 -11.61
CA LYS C 108 -4.96 -14.23 -11.34
C LYS C 108 -4.13 -14.31 -12.63
N VAL C 109 -4.80 -14.67 -13.73
CA VAL C 109 -4.13 -14.74 -15.03
C VAL C 109 -3.77 -13.31 -15.46
N SER C 110 -4.72 -12.39 -15.33
CA SER C 110 -4.47 -10.99 -15.66
C SER C 110 -3.23 -10.43 -14.95
N ILE C 111 -3.14 -10.65 -13.64
CA ILE C 111 -1.98 -10.21 -12.87
C ILE C 111 -0.70 -10.78 -13.45
N ALA C 112 -0.70 -12.10 -13.71
CA ALA C 112 0.49 -12.76 -14.22
C ALA C 112 0.91 -12.21 -15.59
N VAL C 113 -0.06 -11.92 -16.46
CA VAL C 113 0.22 -11.37 -17.78
C VAL C 113 0.80 -9.96 -17.65
N ILE C 114 0.15 -9.11 -16.85
CA ILE C 114 0.67 -7.75 -16.61
C ILE C 114 2.11 -7.78 -16.09
N LYS C 115 2.37 -8.66 -15.13
CA LYS C 115 3.70 -8.72 -14.53
C LYS C 115 4.73 -9.33 -15.48
N GLY C 116 4.29 -10.23 -16.36
CA GLY C 116 5.17 -10.76 -17.39
C GLY C 116 5.49 -9.70 -18.43
N LEU C 117 4.48 -8.94 -18.85
CA LEU C 117 4.71 -7.89 -19.84
C LEU C 117 5.63 -6.79 -19.28
N THR C 118 5.41 -6.46 -18.01
CA THR C 118 6.25 -5.49 -17.28
C THR C 118 7.70 -5.93 -17.19
N TYR C 119 7.93 -7.17 -16.77
CA TYR C 119 9.28 -7.69 -16.73
C TYR C 119 9.97 -7.60 -18.11
N LEU C 120 9.30 -8.05 -19.17
CA LEU C 120 9.93 -8.08 -20.50
C LEU C 120 10.30 -6.67 -21.00
N ARG C 121 9.38 -5.74 -20.80
CA ARG C 121 9.58 -4.34 -21.19
C ARG C 121 10.70 -3.68 -20.37
N GLU C 122 10.60 -3.79 -19.06
CA GLU C 122 11.54 -3.09 -18.15
C GLU C 122 12.95 -3.65 -18.20
N LYS C 123 13.08 -4.97 -18.19
CA LYS C 123 14.37 -5.62 -18.04
C LYS C 123 15.04 -6.01 -19.35
N HIS C 124 14.29 -6.00 -20.45
CA HIS C 124 14.84 -6.46 -21.70
C HIS C 124 14.43 -5.63 -22.88
N LYS C 125 13.49 -4.70 -22.66
CA LYS C 125 12.89 -3.92 -23.74
C LYS C 125 12.32 -4.84 -24.84
N ILE C 126 11.80 -5.98 -24.41
CA ILE C 126 11.10 -6.93 -25.27
C ILE C 126 9.61 -6.64 -25.16
N MET C 127 8.94 -6.51 -26.30
CA MET C 127 7.49 -6.58 -26.32
C MET C 127 7.09 -8.02 -26.67
N HIS C 128 5.92 -8.44 -26.21
CA HIS C 128 5.54 -9.83 -26.37
C HIS C 128 5.23 -10.12 -27.82
N ARG C 129 4.22 -9.41 -28.34
CA ARG C 129 3.79 -9.46 -29.73
C ARG C 129 2.90 -10.65 -30.11
N ASP C 130 2.77 -11.63 -29.20
CA ASP C 130 1.86 -12.73 -29.48
C ASP C 130 1.09 -13.20 -28.23
N VAL C 131 0.47 -12.23 -27.55
CA VAL C 131 -0.33 -12.55 -26.37
C VAL C 131 -1.65 -13.17 -26.82
N LYS C 132 -1.90 -14.37 -26.33
CA LYS C 132 -3.11 -15.12 -26.65
C LYS C 132 -3.16 -16.33 -25.74
N PRO C 133 -4.35 -16.93 -25.55
CA PRO C 133 -4.48 -18.06 -24.62
C PRO C 133 -3.51 -19.19 -24.86
N SER C 134 -3.19 -19.48 -26.14
CA SER C 134 -2.28 -20.60 -26.45
C SER C 134 -0.83 -20.31 -26.03
N ASN C 135 -0.54 -19.03 -25.76
CA ASN C 135 0.78 -18.62 -25.34
C ASN C 135 0.88 -18.23 -23.86
N ILE C 136 -0.16 -18.55 -23.10
CA ILE C 136 -0.14 -18.43 -21.65
C ILE C 136 -0.19 -19.84 -21.06
N LEU C 137 0.88 -20.25 -20.42
CA LEU C 137 1.00 -21.64 -19.96
C LEU C 137 0.85 -21.70 -18.48
N VAL C 138 0.35 -22.84 -18.00
CA VAL C 138 0.11 -23.04 -16.57
C VAL C 138 0.62 -24.39 -16.11
N ASN C 139 0.75 -24.53 -14.79
CA ASN C 139 1.22 -25.78 -14.21
C ASN C 139 0.57 -26.14 -12.88
N SER C 140 0.86 -27.35 -12.42
CA SER C 140 0.26 -27.93 -11.21
C SER C 140 0.77 -27.28 -9.93
N ARG C 141 1.79 -26.43 -10.05
CA ARG C 141 2.23 -25.60 -8.94
C ARG C 141 1.46 -24.29 -8.92
N GLY C 142 0.43 -24.17 -9.76
CA GLY C 142 -0.37 -22.95 -9.85
C GLY C 142 0.31 -21.75 -10.52
N GLU C 143 1.40 -21.98 -11.23
CA GLU C 143 2.09 -20.87 -11.90
C GLU C 143 1.49 -20.55 -13.26
N ILE C 144 1.57 -19.28 -13.65
CA ILE C 144 1.04 -18.78 -14.92
C ILE C 144 2.17 -17.99 -15.58
N LYS C 145 2.53 -18.36 -16.80
CA LYS C 145 3.73 -17.84 -17.44
C LYS C 145 3.53 -17.55 -18.92
N LEU C 146 4.25 -16.54 -19.39
CA LEU C 146 4.18 -16.18 -20.79
C LEU C 146 5.23 -16.96 -21.55
N CYS C 147 4.89 -17.35 -22.78
CA CYS C 147 5.86 -17.95 -23.68
C CYS C 147 5.69 -17.34 -25.09
N ASP C 148 6.60 -17.68 -26.01
CA ASP C 148 6.48 -17.35 -27.44
C ASP C 148 6.47 -15.85 -27.68
N PHE C 149 7.22 -15.12 -26.84
CA PHE C 149 7.33 -13.66 -26.98
C PHE C 149 8.46 -13.29 -27.95
N GLY C 150 8.46 -12.01 -28.39
CA GLY C 150 9.29 -11.58 -29.51
C GLY C 150 10.75 -11.26 -29.21
N VAL C 151 11.49 -12.25 -28.73
CA VAL C 151 12.90 -12.07 -28.40
C VAL C 151 13.79 -12.04 -29.66
N SER C 152 13.32 -12.63 -30.77
CA SER C 152 14.15 -12.72 -31.96
C SER C 152 13.47 -12.05 -33.14
N GLY C 153 13.99 -10.90 -33.56
CA GLY C 153 13.46 -10.19 -34.72
C GLY C 153 13.44 -11.05 -35.98
N GLN C 154 14.51 -11.81 -36.19
CA GLN C 154 14.59 -12.70 -37.37
C GLN C 154 13.56 -13.82 -37.36
N LEU C 155 13.30 -14.41 -36.19
CA LEU C 155 12.26 -15.43 -36.11
C LEU C 155 10.87 -14.81 -36.34
N ILE C 156 10.59 -13.66 -35.72
CA ILE C 156 9.35 -12.91 -35.99
C ILE C 156 9.15 -12.71 -37.50
N ASP C 157 10.11 -12.07 -38.16
CA ASP C 157 10.01 -11.84 -39.60
C ASP C 157 9.83 -13.11 -40.45
N SER C 158 10.55 -14.18 -40.09
CA SER C 158 10.49 -15.45 -40.81
C SER C 158 9.14 -16.16 -40.71
N MET C 159 8.46 -16.01 -39.57
CA MET C 159 7.16 -16.68 -39.33
C MET C 159 5.99 -15.96 -40.01
N ALA C 160 6.03 -14.63 -40.08
CA ALA C 160 4.97 -13.84 -40.71
C ALA C 160 3.56 -14.30 -40.27
N ASN C 161 3.35 -14.34 -38.96
CA ASN C 161 2.13 -14.93 -38.39
C ASN C 161 0.90 -14.01 -38.40
N SER C 162 1.04 -12.78 -38.89
CA SER C 162 -0.09 -11.86 -39.03
C SER C 162 -1.22 -12.46 -39.88
N PHE C 163 -0.88 -13.34 -40.81
CA PHE C 163 -1.87 -13.86 -41.75
C PHE C 163 -2.19 -15.34 -41.56
N VAL C 164 -1.64 -15.96 -40.51
CA VAL C 164 -1.85 -17.39 -40.28
C VAL C 164 -2.79 -17.67 -39.11
N GLY C 165 -3.57 -18.74 -39.26
CA GLY C 165 -4.48 -19.19 -38.22
C GLY C 165 -5.89 -18.72 -38.45
N THR C 166 -6.79 -19.16 -37.57
CA THR C 166 -8.22 -18.88 -37.68
C THR C 166 -8.62 -17.71 -36.77
N ARG C 167 -7.77 -17.39 -35.80
CA ARG C 167 -8.05 -16.31 -34.85
C ARG C 167 -6.96 -15.25 -34.96
N SER C 168 -7.33 -13.99 -34.79
CA SER C 168 -6.31 -12.95 -34.70
C SER C 168 -6.45 -12.15 -33.41
N TYR C 169 -5.33 -11.88 -32.77
CA TYR C 169 -5.33 -11.06 -31.57
C TYR C 169 -4.65 -9.72 -31.82
N MET C 170 -4.49 -9.37 -33.10
CA MET C 170 -3.76 -8.15 -33.45
C MET C 170 -4.60 -6.90 -33.19
N SER C 171 -3.94 -5.83 -32.75
CA SER C 171 -4.59 -4.56 -32.46
C SER C 171 -5.02 -3.83 -33.73
N PRO C 172 -6.06 -2.98 -33.64
CA PRO C 172 -6.48 -2.23 -34.83
C PRO C 172 -5.41 -1.27 -35.35
N GLU C 173 -4.62 -0.68 -34.46
CA GLU C 173 -3.56 0.27 -34.85
C GLU C 173 -2.42 -0.42 -35.61
N ARG C 174 -2.06 -1.63 -35.18
CA ARG C 174 -1.03 -2.40 -35.86
C ARG C 174 -1.50 -2.77 -37.26
N LEU C 175 -2.81 -2.98 -37.38
CA LEU C 175 -3.42 -3.34 -38.66
C LEU C 175 -3.66 -2.12 -39.54
N GLN C 176 -3.19 -0.96 -39.07
CA GLN C 176 -3.33 0.29 -39.84
C GLN C 176 -1.98 0.96 -39.96
N GLY C 177 -0.93 0.16 -39.81
CA GLY C 177 0.44 0.60 -40.05
C GLY C 177 1.09 1.42 -38.95
N THR C 178 0.72 1.16 -37.71
CA THR C 178 1.40 1.77 -36.57
C THR C 178 2.53 0.87 -36.07
N HIS C 179 3.58 1.48 -35.54
CA HIS C 179 4.65 0.75 -34.84
C HIS C 179 4.07 -0.07 -33.73
N TYR C 180 4.75 -1.16 -33.36
CA TYR C 180 4.28 -2.02 -32.28
C TYR C 180 4.59 -1.38 -30.93
N SER C 181 3.59 -1.29 -30.06
CA SER C 181 3.85 -0.81 -28.69
C SER C 181 3.21 -1.73 -27.65
N VAL C 182 3.52 -1.49 -26.38
CA VAL C 182 2.91 -2.27 -25.30
C VAL C 182 1.38 -2.17 -25.33
N GLN C 183 0.83 -1.08 -25.85
CA GLN C 183 -0.63 -0.97 -26.01
C GLN C 183 -1.22 -2.10 -26.85
N SER C 184 -0.45 -2.55 -27.85
CA SER C 184 -0.87 -3.67 -28.71
C SER C 184 -0.95 -4.99 -27.96
N ASP C 185 -0.01 -5.22 -27.06
CA ASP C 185 -0.04 -6.39 -26.16
C ASP C 185 -1.23 -6.33 -25.21
N ILE C 186 -1.53 -5.13 -24.74
CA ILE C 186 -2.70 -4.92 -23.87
C ILE C 186 -4.01 -5.22 -24.59
N TRP C 187 -4.11 -4.77 -25.85
CA TRP C 187 -5.26 -5.15 -26.67
C TRP C 187 -5.41 -6.66 -26.73
N SER C 188 -4.33 -7.35 -27.05
CA SER C 188 -4.36 -8.81 -27.19
C SER C 188 -4.76 -9.51 -25.89
N MET C 189 -4.30 -8.99 -24.76
CA MET C 189 -4.70 -9.50 -23.46
C MET C 189 -6.22 -9.36 -23.25
N GLY C 190 -6.75 -8.17 -23.56
CA GLY C 190 -8.18 -7.90 -23.40
C GLY C 190 -9.01 -8.85 -24.22
N LEU C 191 -8.60 -9.07 -25.46
CA LEU C 191 -9.28 -10.00 -26.33
C LEU C 191 -9.18 -11.45 -25.82
N SER C 192 -8.01 -11.83 -25.30
CA SER C 192 -7.80 -13.17 -24.75
C SER C 192 -8.73 -13.39 -23.56
N LEU C 193 -8.86 -12.35 -22.73
CA LEU C 193 -9.71 -12.41 -21.55
C LEU C 193 -11.17 -12.61 -21.91
N VAL C 194 -11.66 -11.90 -22.92
CA VAL C 194 -13.04 -12.10 -23.37
C VAL C 194 -13.23 -13.52 -23.89
N GLU C 195 -12.32 -13.99 -24.74
CA GLU C 195 -12.38 -15.37 -25.23
C GLU C 195 -12.46 -16.40 -24.10
N MET C 196 -11.55 -16.30 -23.14
CA MET C 196 -11.53 -17.24 -22.03
C MET C 196 -12.74 -17.11 -21.12
N ALA C 197 -13.23 -15.89 -20.94
CA ALA C 197 -14.40 -15.65 -20.09
C ALA C 197 -15.65 -16.25 -20.71
N VAL C 198 -15.90 -15.96 -21.99
CA VAL C 198 -17.12 -16.39 -22.65
C VAL C 198 -17.02 -17.80 -23.24
N GLY C 199 -15.82 -18.28 -23.49
CA GLY C 199 -15.63 -19.66 -23.95
C GLY C 199 -15.51 -19.84 -25.45
N ARG C 200 -15.53 -18.72 -26.18
CA ARG C 200 -15.25 -18.75 -27.61
C ARG C 200 -14.64 -17.44 -28.11
N TYR C 201 -13.86 -17.57 -29.17
CA TYR C 201 -13.23 -16.43 -29.80
C TYR C 201 -14.31 -15.39 -30.14
N PRO C 202 -14.20 -14.16 -29.58
CA PRO C 202 -15.30 -13.20 -29.56
C PRO C 202 -15.52 -12.35 -30.81
N ILE C 203 -14.85 -12.69 -31.92
CA ILE C 203 -15.04 -11.95 -33.16
C ILE C 203 -15.52 -12.89 -34.28
N PRO C 204 -16.72 -12.65 -34.85
CA PRO C 204 -17.63 -11.54 -34.54
C PRO C 204 -18.42 -11.82 -33.25
N PRO C 205 -19.10 -10.78 -32.69
CA PRO C 205 -19.88 -10.98 -31.46
C PRO C 205 -20.98 -12.03 -31.60
N PRO C 206 -21.30 -12.74 -30.51
CA PRO C 206 -22.32 -13.81 -30.52
C PRO C 206 -23.78 -13.29 -30.48
N ASP C 207 -24.74 -14.20 -30.64
CA ASP C 207 -26.18 -13.87 -30.57
C ASP C 207 -26.96 -14.70 -29.55
N ALA C 208 -26.66 -16.01 -29.49
CA ALA C 208 -27.32 -16.92 -28.56
C ALA C 208 -26.30 -17.83 -27.87
N PRO C 247 -18.13 -18.97 -41.02
CA PRO C 247 -16.74 -18.98 -40.56
C PRO C 247 -15.87 -17.94 -41.27
N MET C 248 -15.48 -16.91 -40.53
CA MET C 248 -14.77 -15.74 -41.03
C MET C 248 -13.27 -16.03 -41.28
N ALA C 249 -12.85 -15.88 -42.53
CA ALA C 249 -11.46 -16.11 -42.93
C ALA C 249 -10.58 -14.95 -42.45
N ILE C 250 -9.27 -15.17 -42.46
CA ILE C 250 -8.33 -14.28 -41.76
C ILE C 250 -8.43 -12.80 -42.18
N PHE C 251 -8.60 -12.56 -43.47
CA PHE C 251 -8.57 -11.20 -43.99
C PHE C 251 -9.84 -10.44 -43.67
N GLU C 252 -10.95 -11.16 -43.65
CA GLU C 252 -12.23 -10.59 -43.26
C GLU C 252 -12.23 -10.31 -41.76
N LEU C 253 -11.54 -11.16 -41.01
CA LEU C 253 -11.34 -10.98 -39.60
C LEU C 253 -10.56 -9.68 -39.31
N LEU C 254 -9.45 -9.50 -40.02
CA LEU C 254 -8.59 -8.34 -39.80
C LEU C 254 -9.36 -7.06 -40.12
N ASP C 255 -10.16 -7.14 -41.18
CA ASP C 255 -11.03 -6.02 -41.56
C ASP C 255 -12.03 -5.67 -40.47
N TYR C 256 -12.64 -6.70 -39.89
CA TYR C 256 -13.59 -6.53 -38.80
C TYR C 256 -12.96 -5.82 -37.62
N ILE C 257 -11.76 -6.26 -37.25
CA ILE C 257 -11.01 -5.67 -36.14
C ILE C 257 -10.77 -4.17 -36.36
N VAL C 258 -10.36 -3.80 -37.57
CA VAL C 258 -10.10 -2.41 -37.93
C VAL C 258 -11.38 -1.57 -37.91
N ASN C 259 -12.46 -2.13 -38.44
CA ASN C 259 -13.62 -1.31 -38.78
C ASN C 259 -14.80 -1.35 -37.81
N GLU C 260 -14.91 -2.44 -37.06
CA GLU C 260 -16.04 -2.63 -36.16
C GLU C 260 -15.72 -2.26 -34.71
N PRO C 261 -16.76 -2.07 -33.87
CA PRO C 261 -16.51 -1.79 -32.46
C PRO C 261 -15.93 -3.02 -31.76
N PRO C 262 -15.10 -2.81 -30.71
CA PRO C 262 -14.39 -3.90 -30.03
C PRO C 262 -15.36 -4.84 -29.32
N PRO C 263 -14.96 -6.11 -29.09
CA PRO C 263 -15.85 -6.98 -28.32
C PRO C 263 -15.91 -6.52 -26.85
N LYS C 264 -16.90 -7.02 -26.12
CA LYS C 264 -17.03 -6.73 -24.69
C LYS C 264 -17.63 -7.94 -23.99
N LEU C 265 -17.51 -7.99 -22.66
CA LEU C 265 -18.13 -9.08 -21.89
C LEU C 265 -19.63 -8.87 -21.81
N PRO C 266 -20.41 -9.97 -21.76
CA PRO C 266 -21.85 -9.86 -21.48
C PRO C 266 -22.13 -9.17 -20.14
N SER C 267 -23.35 -8.63 -19.99
CA SER C 267 -23.66 -7.64 -18.94
C SER C 267 -23.98 -8.14 -17.52
N GLY C 268 -24.42 -9.39 -17.38
CA GLY C 268 -24.92 -9.86 -16.09
C GLY C 268 -24.07 -10.81 -15.29
N VAL C 269 -23.32 -11.67 -15.98
CA VAL C 269 -22.62 -12.81 -15.36
C VAL C 269 -21.20 -12.43 -14.87
N PHE C 270 -20.74 -11.26 -15.28
CA PHE C 270 -19.44 -10.76 -14.86
C PHE C 270 -19.57 -9.46 -14.06
N SER C 271 -18.75 -9.33 -13.03
CA SER C 271 -18.70 -8.15 -12.20
C SER C 271 -18.46 -6.91 -13.07
N LEU C 272 -18.91 -5.75 -12.58
CA LEU C 272 -18.72 -4.50 -13.30
C LEU C 272 -17.23 -4.12 -13.38
N GLU C 273 -16.46 -4.51 -12.36
CA GLU C 273 -15.00 -4.29 -12.35
C GLU C 273 -14.30 -5.05 -13.48
N PHE C 274 -14.68 -6.31 -13.69
CA PHE C 274 -14.11 -7.13 -14.76
C PHE C 274 -14.51 -6.57 -16.13
N GLN C 275 -15.78 -6.22 -16.30
CA GLN C 275 -16.27 -5.55 -17.51
C GLN C 275 -15.49 -4.28 -17.84
N ASP C 276 -15.30 -3.42 -16.84
CA ASP C 276 -14.59 -2.17 -17.06
C ASP C 276 -13.13 -2.43 -17.41
N PHE C 277 -12.53 -3.42 -16.74
CA PHE C 277 -11.13 -3.78 -16.98
C PHE C 277 -10.93 -4.18 -18.44
N VAL C 278 -11.80 -5.06 -18.95
CA VAL C 278 -11.67 -5.50 -20.34
C VAL C 278 -11.92 -4.36 -21.31
N ASN C 279 -12.88 -3.49 -20.99
CA ASN C 279 -13.16 -2.31 -21.81
C ASN C 279 -11.97 -1.37 -21.94
N LYS C 280 -11.23 -1.18 -20.84
CA LYS C 280 -10.04 -0.34 -20.83
C LYS C 280 -8.92 -0.92 -21.70
N CYS C 281 -8.89 -2.26 -21.82
CA CYS C 281 -7.89 -2.92 -22.67
C CYS C 281 -8.25 -2.85 -24.14
N LEU C 282 -9.53 -2.68 -24.44
CA LEU C 282 -10.01 -2.86 -25.80
C LEU C 282 -10.46 -1.57 -26.48
N ILE C 283 -10.15 -0.43 -25.87
CA ILE C 283 -10.38 0.84 -26.57
C ILE C 283 -9.50 0.84 -27.82
N LYS C 284 -10.11 1.15 -28.96
CA LYS C 284 -9.44 1.04 -30.26
C LYS C 284 -8.32 2.06 -30.47
N ASN C 285 -8.52 3.28 -29.96
CA ASN C 285 -7.47 4.29 -29.94
C ASN C 285 -6.43 3.94 -28.88
N PRO C 286 -5.19 3.61 -29.30
CA PRO C 286 -4.19 3.18 -28.31
C PRO C 286 -3.83 4.28 -27.30
N ALA C 287 -4.01 5.55 -27.68
CA ALA C 287 -3.72 6.67 -26.79
C ALA C 287 -4.70 6.72 -25.61
N GLU C 288 -5.94 6.30 -25.84
CA GLU C 288 -6.95 6.25 -24.78
C GLU C 288 -7.01 4.92 -24.04
N ARG C 289 -6.53 3.84 -24.69
CA ARG C 289 -6.48 2.50 -24.07
C ARG C 289 -5.59 2.55 -22.84
N ALA C 290 -5.92 1.78 -21.82
CA ALA C 290 -5.14 1.79 -20.57
C ALA C 290 -3.73 1.25 -20.78
N ASP C 291 -2.76 1.78 -20.04
CA ASP C 291 -1.41 1.21 -20.03
C ASP C 291 -1.19 0.27 -18.85
N LEU C 292 -0.01 -0.35 -18.78
CA LEU C 292 0.29 -1.34 -17.75
C LEU C 292 0.18 -0.81 -16.33
N LYS C 293 0.75 0.38 -16.10
CA LYS C 293 0.68 1.03 -14.78
C LYS C 293 -0.76 1.26 -14.31
N GLN C 294 -1.59 1.82 -15.18
CA GLN C 294 -3.02 2.00 -14.90
C GLN C 294 -3.75 0.68 -14.62
N LEU C 295 -3.42 -0.37 -15.38
CA LEU C 295 -4.13 -1.64 -15.23
C LEU C 295 -3.82 -2.29 -13.89
N MET C 296 -2.56 -2.16 -13.48
CA MET C 296 -2.07 -2.74 -12.23
C MET C 296 -2.76 -2.17 -10.98
N VAL C 297 -3.39 -1.01 -11.09
CA VAL C 297 -4.10 -0.39 -9.96
C VAL C 297 -5.62 -0.39 -10.18
N HIS C 298 -6.06 -0.88 -11.32
CA HIS C 298 -7.50 -1.01 -11.61
C HIS C 298 -8.20 -1.82 -10.54
N ALA C 299 -9.46 -1.46 -10.28
CA ALA C 299 -10.32 -2.14 -9.28
C ALA C 299 -10.33 -3.67 -9.41
N PHE C 300 -10.44 -4.17 -10.64
CA PHE C 300 -10.40 -5.62 -10.90
C PHE C 300 -9.14 -6.28 -10.36
N ILE C 301 -7.99 -5.70 -10.70
CA ILE C 301 -6.69 -6.20 -10.24
C ILE C 301 -6.55 -6.07 -8.73
N LYS C 302 -6.94 -4.92 -8.17
CA LYS C 302 -6.93 -4.69 -6.73
C LYS C 302 -7.65 -5.85 -6.06
N ARG C 303 -8.91 -6.04 -6.42
CA ARG C 303 -9.72 -7.14 -5.88
C ARG C 303 -9.06 -8.51 -6.10
N SER C 304 -8.65 -8.81 -7.35
CA SER C 304 -8.10 -10.13 -7.68
C SER C 304 -6.85 -10.48 -6.86
N ASP C 305 -5.98 -9.49 -6.68
CA ASP C 305 -4.73 -9.68 -5.97
C ASP C 305 -4.96 -10.07 -4.51
N ALA C 306 -6.00 -9.52 -3.91
CA ALA C 306 -6.39 -9.81 -2.52
C ALA C 306 -7.12 -11.16 -2.38
N GLU C 307 -7.84 -11.57 -3.42
CA GLU C 307 -8.60 -12.82 -3.38
C GLU C 307 -7.69 -14.02 -3.17
N GLU C 308 -8.17 -14.96 -2.36
CA GLU C 308 -7.43 -16.18 -2.08
C GLU C 308 -7.96 -17.27 -3.02
N VAL C 309 -7.19 -17.58 -4.06
CA VAL C 309 -7.66 -18.52 -5.09
C VAL C 309 -6.72 -19.72 -5.10
N ASP C 310 -7.28 -20.91 -5.05
CA ASP C 310 -6.47 -22.12 -5.17
C ASP C 310 -6.46 -22.53 -6.64
N PHE C 311 -5.61 -21.85 -7.42
CA PHE C 311 -5.53 -22.13 -8.84
C PHE C 311 -5.03 -23.54 -9.12
N ALA C 312 -3.94 -23.93 -8.45
CA ALA C 312 -3.39 -25.27 -8.60
C ALA C 312 -4.46 -26.34 -8.43
N GLY C 313 -5.27 -26.22 -7.39
CA GLY C 313 -6.37 -27.18 -7.13
C GLY C 313 -7.43 -27.20 -8.22
N TRP C 314 -7.85 -26.02 -8.65
CA TRP C 314 -8.83 -25.88 -9.71
C TRP C 314 -8.33 -26.51 -10.97
N LEU C 315 -7.07 -26.21 -11.30
CA LEU C 315 -6.45 -26.70 -12.52
C LEU C 315 -6.38 -28.21 -12.53
N CYS C 316 -5.78 -28.78 -11.50
CA CYS C 316 -5.59 -30.22 -11.42
C CYS C 316 -6.89 -31.02 -11.60
N SER C 317 -7.98 -30.55 -10.99
CA SER C 317 -9.26 -31.25 -11.15
C SER C 317 -9.99 -30.87 -12.45
N THR C 318 -9.76 -29.65 -12.95
CA THR C 318 -10.32 -29.25 -14.24
C THR C 318 -9.78 -30.12 -15.39
N ILE C 319 -8.48 -30.40 -15.38
CA ILE C 319 -7.88 -31.14 -16.49
C ILE C 319 -7.43 -32.55 -16.11
N GLY C 320 -7.65 -32.92 -14.84
CA GLY C 320 -7.32 -34.25 -14.35
C GLY C 320 -5.83 -34.56 -14.28
N LEU C 321 -5.10 -33.81 -13.46
CA LEU C 321 -3.67 -34.05 -13.23
C LEU C 321 -3.43 -35.03 -12.08
#